data_1RJD
#
_entry.id   1RJD
#
_cell.length_a   110.683
_cell.length_b   110.683
_cell.length_c   165.879
_cell.angle_alpha   90.00
_cell.angle_beta   90.00
_cell.angle_gamma   120.00
#
_symmetry.space_group_name_H-M   'P 65'
#
loop_
_entity.id
_entity.type
_entity.pdbx_description
1 polymer 'carboxy methyl transferase for protein phosphatase 2A catalytic subunit'
2 non-polymer S-ADENOSYLMETHIONINE
3 non-polymer BETA-MERCAPTOETHANOL
4 non-polymer 'SULFATE ION'
5 water water
#
_entity_poly.entity_id   1
_entity_poly.type   'polypeptide(L)'
_entity_poly.pdbx_seq_one_letter_code
;MERIIQQTDYDALSCKLAAISVGYLPSSGLQRLSVDLSKKYTEWHRSYLITLKKFSRRAFGKVDKAMRSSFPVMNYGTYL
RTVGIDAAILEFLVANEKVQVVNLGCGSDLRMLPLLQMFPHLAYVDIDYNESVELKNSILRESEILRISLGLSKEDTAKS
PFLIDQGRYKLAACDLNDITETTRLLDVCTKREIPTIVISECLLCYMHNNESQLLINTIMSKFSHGLWISYDPIGGSQPN
DRFGAIMQSNLKESRNLEMPTLMTYNSKEKYASRWSAAPNVIVNDMWEIFNAQIPESERKRLRSLQFLDELEELKVMQTH
YILMKAQWHHHHHH
;
_entity_poly.pdbx_strand_id   A,B,C
#
# COMPACT_ATOMS: atom_id res chain seq x y z
N GLU A 2 -34.49 15.73 -1.24
CA GLU A 2 -34.05 16.57 -0.08
C GLU A 2 -32.55 16.88 -0.10
N ARG A 3 -32.23 18.14 -0.33
CA ARG A 3 -30.85 18.62 -0.35
C ARG A 3 -30.08 18.32 0.93
N ILE A 4 -30.72 18.53 2.08
CA ILE A 4 -30.04 18.35 3.37
C ILE A 4 -29.67 16.90 3.62
N ILE A 5 -30.56 15.97 3.26
CA ILE A 5 -30.29 14.55 3.39
C ILE A 5 -29.16 14.12 2.45
N GLN A 6 -29.23 14.61 1.22
CA GLN A 6 -28.15 14.41 0.24
C GLN A 6 -26.80 14.88 0.78
N GLN A 7 -26.78 16.02 1.47
CA GLN A 7 -25.50 16.60 1.93
C GLN A 7 -24.84 15.91 3.11
N THR A 8 -25.51 14.94 3.72
CA THR A 8 -24.87 14.07 4.72
C THR A 8 -23.73 13.24 4.14
N ASP A 9 -23.75 13.03 2.83
CA ASP A 9 -22.65 12.36 2.16
C ASP A 9 -21.33 13.15 2.29
N TYR A 10 -21.41 14.47 2.38
CA TYR A 10 -20.21 15.30 2.49
C TYR A 10 -19.48 15.00 3.78
N ASP A 11 -20.23 14.75 4.84
CA ASP A 11 -19.65 14.28 6.08
C ASP A 11 -19.02 12.91 5.92
N ALA A 12 -19.74 11.99 5.27
CA ALA A 12 -19.20 10.64 5.05
C ALA A 12 -17.90 10.66 4.23
N LEU A 13 -17.88 11.47 3.18
CA LEU A 13 -16.70 11.61 2.32
C LEU A 13 -15.52 12.25 3.07
N SER A 14 -15.80 13.33 3.81
CA SER A 14 -14.80 13.99 4.67
C SER A 14 -14.12 12.98 5.62
N CYS A 15 -14.93 12.16 6.26
CA CYS A 15 -14.46 11.12 7.15
C CYS A 15 -13.58 10.09 6.42
N LYS A 16 -14.03 9.62 5.25
CA LYS A 16 -13.27 8.71 4.41
C LYS A 16 -11.91 9.29 4.04
N LEU A 17 -11.92 10.55 3.59
CA LEU A 17 -10.69 11.20 3.16
C LEU A 17 -9.73 11.46 4.32
N ALA A 18 -10.25 11.82 5.49
CA ALA A 18 -9.43 11.99 6.68
C ALA A 18 -8.72 10.68 7.05
N ALA A 19 -9.47 9.59 7.02
CA ALA A 19 -8.93 8.32 7.44
C ALA A 19 -7.82 7.90 6.49
N ILE A 20 -7.99 8.16 5.19
CA ILE A 20 -7.01 7.82 4.17
C ILE A 20 -5.76 8.71 4.28
N SER A 21 -6.00 10.00 4.47
CA SER A 21 -4.91 10.97 4.61
C SER A 21 -3.98 10.60 5.79
N VAL A 22 -4.56 10.22 6.92
CA VAL A 22 -3.76 9.87 8.08
C VAL A 22 -3.11 8.50 7.92
N GLY A 23 -3.84 7.60 7.25
CA GLY A 23 -3.34 6.27 6.92
C GLY A 23 -4.06 5.12 7.62
N TYR A 24 -5.17 5.41 8.28
CA TYR A 24 -6.03 4.32 8.81
C TYR A 24 -6.45 3.37 7.69
N LEU A 25 -6.82 3.95 6.56
CA LEU A 25 -7.18 3.21 5.38
C LEU A 25 -6.20 3.63 4.30
N PRO A 26 -5.87 2.78 3.34
CA PRO A 26 -6.38 1.41 3.22
C PRO A 26 -5.79 0.51 4.32
N SER A 27 -6.53 -0.52 4.68
CA SER A 27 -6.03 -1.59 5.53
C SER A 27 -5.92 -2.76 4.56
N SER A 28 -4.72 -3.04 4.07
CA SER A 28 -4.56 -4.04 3.04
C SER A 28 -4.96 -5.48 3.48
N GLY A 29 -4.81 -5.81 4.75
CA GLY A 29 -5.16 -7.14 5.24
C GLY A 29 -6.68 -7.35 5.25
N LEU A 30 -7.36 -6.46 5.98
CA LEU A 30 -8.81 -6.53 6.16
C LEU A 30 -9.62 -6.20 4.90
N GLN A 31 -9.09 -5.30 4.07
CA GLN A 31 -9.74 -4.95 2.79
C GLN A 31 -9.25 -5.82 1.64
N ARG A 32 -8.31 -6.73 1.95
CA ARG A 32 -7.77 -7.70 1.01
C ARG A 32 -7.21 -7.04 -0.27
N LEU A 33 -6.47 -5.96 -0.07
CA LEU A 33 -5.90 -5.18 -1.16
C LEU A 33 -4.47 -5.60 -1.44
N SER A 34 -4.14 -5.62 -2.72
CA SER A 34 -2.78 -5.88 -3.19
C SER A 34 -1.92 -4.65 -3.03
N VAL A 35 -0.63 -4.79 -3.34
CA VAL A 35 0.24 -3.64 -3.27
C VAL A 35 -0.29 -2.52 -4.17
N ASP A 36 -0.64 -2.88 -5.40
CA ASP A 36 -1.07 -1.94 -6.42
C ASP A 36 -2.43 -1.32 -6.05
N LEU A 37 -3.37 -2.17 -5.61
CA LEU A 37 -4.71 -1.66 -5.31
C LEU A 37 -4.72 -0.83 -4.02
N SER A 38 -3.77 -1.07 -3.13
CA SER A 38 -3.67 -0.24 -1.92
C SER A 38 -3.26 1.18 -2.32
N LYS A 39 -2.29 1.28 -3.23
CA LYS A 39 -1.88 2.56 -3.78
C LYS A 39 -3.04 3.25 -4.52
N LYS A 40 -3.71 2.49 -5.37
CA LYS A 40 -4.83 3.03 -6.18
C LYS A 40 -5.95 3.49 -5.30
N TYR A 41 -6.19 2.76 -4.21
CA TYR A 41 -7.24 3.15 -3.26
C TYR A 41 -7.03 4.60 -2.81
N THR A 42 -5.81 4.92 -2.40
CA THR A 42 -5.47 6.26 -1.96
C THR A 42 -5.56 7.25 -3.13
N GLU A 43 -5.00 6.88 -4.29
CA GLU A 43 -4.98 7.76 -5.46
C GLU A 43 -6.38 8.14 -5.98
N TRP A 44 -7.25 7.14 -6.02
CA TRP A 44 -8.62 7.31 -6.47
C TRP A 44 -9.36 8.30 -5.57
N HIS A 45 -9.20 8.15 -4.27
CA HIS A 45 -9.87 9.01 -3.36
C HIS A 45 -9.31 10.42 -3.42
N ARG A 46 -7.99 10.55 -3.49
CA ARG A 46 -7.38 11.86 -3.63
C ARG A 46 -7.90 12.55 -4.89
N SER A 47 -8.01 11.80 -5.98
CA SER A 47 -8.49 12.38 -7.22
C SER A 47 -9.96 12.83 -7.09
N TYR A 48 -10.77 12.03 -6.40
CA TYR A 48 -12.17 12.36 -6.17
C TYR A 48 -12.27 13.74 -5.52
N LEU A 49 -11.45 13.99 -4.50
CA LEU A 49 -11.50 15.25 -3.79
C LEU A 49 -11.16 16.42 -4.70
N ILE A 50 -10.05 16.31 -5.42
CA ILE A 50 -9.63 17.38 -6.34
C ILE A 50 -10.68 17.63 -7.43
N THR A 51 -11.27 16.56 -7.90
CA THR A 51 -12.30 16.67 -8.93
C THR A 51 -13.59 17.26 -8.37
N LEU A 52 -13.95 16.90 -7.15
CA LEU A 52 -15.05 17.55 -6.48
C LEU A 52 -14.86 19.09 -6.45
N LYS A 53 -13.66 19.56 -6.18
CA LYS A 53 -13.35 20.99 -6.20
C LYS A 53 -13.69 21.62 -7.55
N LYS A 54 -13.38 20.95 -8.65
CA LYS A 54 -13.71 21.48 -9.98
C LYS A 54 -15.20 21.67 -10.13
N PHE A 55 -16.01 20.79 -9.54
CA PHE A 55 -17.47 20.79 -9.72
C PHE A 55 -18.28 21.58 -8.73
N SER A 56 -17.71 21.89 -7.57
CA SER A 56 -18.45 22.62 -6.55
C SER A 56 -17.51 23.21 -5.50
N ARG A 57 -17.40 24.55 -5.51
CA ARG A 57 -16.70 25.24 -4.44
C ARG A 57 -17.33 24.95 -3.07
N ARG A 58 -18.65 24.92 -3.00
CA ARG A 58 -19.33 24.81 -1.73
C ARG A 58 -19.10 23.44 -1.10
N ALA A 59 -19.30 22.39 -1.90
CA ALA A 59 -19.11 21.03 -1.43
C ALA A 59 -17.64 20.79 -1.03
N PHE A 60 -16.71 21.26 -1.86
CA PHE A 60 -15.29 21.07 -1.57
C PHE A 60 -14.94 21.73 -0.24
N GLY A 61 -15.45 22.95 -0.06
CA GLY A 61 -15.21 23.71 1.15
C GLY A 61 -15.64 22.97 2.40
N LYS A 62 -16.85 22.42 2.37
CA LYS A 62 -17.40 21.66 3.48
C LYS A 62 -16.57 20.42 3.76
N VAL A 63 -16.20 19.70 2.70
CA VAL A 63 -15.45 18.47 2.86
C VAL A 63 -14.08 18.82 3.39
N ASP A 64 -13.43 19.77 2.73
CA ASP A 64 -12.07 20.16 3.06
C ASP A 64 -11.94 20.54 4.52
N LYS A 65 -12.83 21.42 5.01
CA LYS A 65 -12.73 21.93 6.37
C LYS A 65 -12.99 20.82 7.42
N ALA A 66 -13.93 19.92 7.12
CA ALA A 66 -14.26 18.82 8.05
C ALA A 66 -13.15 17.77 8.08
N MET A 67 -12.51 17.54 6.94
CA MET A 67 -11.50 16.51 6.82
C MET A 67 -10.23 16.89 7.58
N ARG A 68 -9.86 18.17 7.50
CA ARG A 68 -8.63 18.64 8.15
C ARG A 68 -8.83 18.83 9.66
N SER A 69 -10.08 18.94 10.11
CA SER A 69 -10.41 19.09 11.53
C SER A 69 -10.86 17.79 12.22
N SER A 70 -10.68 16.67 11.53
CA SER A 70 -11.09 15.36 12.06
C SER A 70 -10.25 14.94 13.23
N PHE A 71 -10.92 14.47 14.27
CA PHE A 71 -10.26 13.95 15.46
C PHE A 71 -10.01 12.43 15.34
N PRO A 72 -9.01 11.91 16.05
CA PRO A 72 -8.75 10.47 16.06
C PRO A 72 -9.95 9.59 16.36
N VAL A 73 -10.77 9.97 17.33
CA VAL A 73 -11.93 9.16 17.64
C VAL A 73 -12.81 8.98 16.41
N MET A 74 -12.97 10.04 15.63
CA MET A 74 -13.75 9.94 14.41
C MET A 74 -13.11 9.09 13.35
N ASN A 75 -11.78 9.16 13.23
CA ASN A 75 -11.04 8.34 12.31
C ASN A 75 -11.13 6.86 12.67
N TYR A 76 -11.12 6.53 13.96
CA TYR A 76 -11.30 5.13 14.35
C TYR A 76 -12.69 4.66 13.95
N GLY A 77 -13.69 5.51 14.11
CA GLY A 77 -15.04 5.20 13.67
C GLY A 77 -15.15 4.87 12.21
N THR A 78 -14.53 5.70 11.39
CA THR A 78 -14.55 5.52 9.96
C THR A 78 -13.85 4.26 9.55
N TYR A 79 -12.71 4.00 10.19
CA TYR A 79 -11.97 2.76 9.99
C TYR A 79 -12.84 1.55 10.29
N LEU A 80 -13.48 1.55 11.45
CA LEU A 80 -14.25 0.38 11.88
C LEU A 80 -15.44 0.14 10.91
N ARG A 81 -16.12 1.21 10.58
CA ARG A 81 -17.26 1.21 9.66
C ARG A 81 -16.84 0.56 8.31
N THR A 82 -15.74 1.05 7.75
CA THR A 82 -15.29 0.60 6.46
C THR A 82 -14.77 -0.86 6.45
N VAL A 83 -13.88 -1.23 7.37
CA VAL A 83 -13.36 -2.60 7.37
C VAL A 83 -14.40 -3.61 7.85
N GLY A 84 -15.35 -3.16 8.67
CA GLY A 84 -16.44 -4.02 9.09
C GLY A 84 -17.34 -4.43 7.94
N ILE A 85 -17.71 -3.44 7.16
CA ILE A 85 -18.55 -3.68 6.00
C ILE A 85 -17.76 -4.49 4.99
N ASP A 86 -16.50 -4.09 4.73
CA ASP A 86 -15.69 -4.76 3.72
C ASP A 86 -15.45 -6.22 4.08
N ALA A 87 -15.19 -6.50 5.35
CA ALA A 87 -14.94 -7.89 5.77
C ALA A 87 -16.15 -8.77 5.40
N ALA A 88 -17.37 -8.25 5.59
CA ALA A 88 -18.60 -8.98 5.28
C ALA A 88 -18.80 -9.18 3.78
N ILE A 89 -18.54 -8.14 3.00
CA ILE A 89 -18.58 -8.20 1.57
C ILE A 89 -17.61 -9.26 1.05
N LEU A 90 -16.38 -9.21 1.55
CA LEU A 90 -15.32 -10.00 0.91
C LEU A 90 -15.53 -11.49 1.16
N GLU A 91 -15.99 -11.84 2.36
CA GLU A 91 -16.26 -13.26 2.68
C GLU A 91 -17.26 -13.80 1.69
N PHE A 92 -18.29 -13.01 1.39
CA PHE A 92 -19.36 -13.46 0.48
C PHE A 92 -18.89 -13.52 -0.99
N LEU A 93 -18.09 -12.55 -1.42
CA LEU A 93 -17.60 -12.53 -2.80
C LEU A 93 -16.61 -13.64 -3.03
N VAL A 94 -15.83 -13.98 -2.01
CA VAL A 94 -14.88 -15.09 -2.16
C VAL A 94 -15.61 -16.42 -2.31
N ALA A 95 -16.74 -16.54 -1.62
CA ALA A 95 -17.51 -17.78 -1.60
C ALA A 95 -18.42 -17.93 -2.81
N ASN A 96 -18.80 -16.79 -3.39
CA ASN A 96 -19.75 -16.68 -4.49
C ASN A 96 -19.12 -15.81 -5.57
N GLU A 97 -18.54 -16.46 -6.53
CA GLU A 97 -17.78 -15.75 -7.54
C GLU A 97 -18.66 -14.81 -8.40
N LYS A 98 -19.83 -15.29 -8.77
CA LYS A 98 -20.77 -14.52 -9.57
C LYS A 98 -21.82 -13.96 -8.62
N VAL A 99 -21.78 -12.64 -8.45
CA VAL A 99 -22.53 -11.95 -7.43
C VAL A 99 -22.90 -10.57 -7.96
N GLN A 100 -24.00 -10.01 -7.44
CA GLN A 100 -24.34 -8.63 -7.77
C GLN A 100 -24.40 -7.82 -6.45
N VAL A 101 -23.79 -6.64 -6.42
CA VAL A 101 -23.88 -5.77 -5.24
C VAL A 101 -24.80 -4.63 -5.59
N VAL A 102 -25.74 -4.34 -4.70
CA VAL A 102 -26.56 -3.13 -4.81
C VAL A 102 -26.27 -2.23 -3.63
N ASN A 103 -25.66 -1.08 -3.91
CA ASN A 103 -25.36 -0.09 -2.87
C ASN A 103 -26.40 0.99 -2.81
N LEU A 104 -27.24 0.93 -1.77
CA LEU A 104 -28.38 1.81 -1.59
C LEU A 104 -27.98 3.08 -0.87
N GLY A 105 -28.19 4.24 -1.47
CA GLY A 105 -27.72 5.49 -0.90
C GLY A 105 -26.20 5.56 -0.89
N CYS A 106 -25.60 5.32 -2.04
CA CYS A 106 -24.16 5.12 -2.14
C CYS A 106 -23.33 6.39 -1.90
N GLY A 107 -23.92 7.56 -2.10
CA GLY A 107 -23.16 8.79 -2.07
C GLY A 107 -21.86 8.67 -2.85
N SER A 108 -20.76 9.08 -2.21
CA SER A 108 -19.42 9.15 -2.84
C SER A 108 -18.60 7.87 -2.68
N ASP A 109 -19.23 6.80 -2.24
CA ASP A 109 -18.52 5.53 -1.95
C ASP A 109 -17.73 5.06 -3.15
N LEU A 110 -16.46 4.70 -2.95
CA LEU A 110 -15.58 4.22 -4.02
C LEU A 110 -15.14 2.77 -3.85
N ARG A 111 -15.80 2.03 -2.96
CA ARG A 111 -15.40 0.63 -2.73
C ARG A 111 -15.56 -0.26 -3.98
N MET A 112 -16.45 0.09 -4.89
CA MET A 112 -16.56 -0.65 -6.15
C MET A 112 -15.30 -0.64 -7.00
N LEU A 113 -14.47 0.40 -6.90
CA LEU A 113 -13.29 0.51 -7.75
C LEU A 113 -12.32 -0.67 -7.54
N PRO A 114 -11.85 -0.93 -6.32
CA PRO A 114 -11.04 -2.14 -6.10
C PRO A 114 -11.85 -3.46 -6.24
N LEU A 115 -13.09 -3.48 -5.78
CA LEU A 115 -13.89 -4.71 -5.84
C LEU A 115 -14.08 -5.23 -7.25
N LEU A 116 -14.34 -4.31 -8.20
CA LEU A 116 -14.60 -4.73 -9.60
C LEU A 116 -13.34 -5.28 -10.21
N GLN A 117 -12.21 -4.76 -9.80
CA GLN A 117 -10.92 -5.29 -10.24
C GLN A 117 -10.61 -6.66 -9.62
N MET A 118 -10.93 -6.81 -8.33
CA MET A 118 -10.61 -7.99 -7.55
C MET A 118 -11.45 -9.21 -7.91
N PHE A 119 -12.67 -8.97 -8.34
CA PHE A 119 -13.65 -10.03 -8.59
C PHE A 119 -14.18 -9.90 -10.01
N PRO A 120 -13.62 -10.66 -10.96
CA PRO A 120 -13.99 -10.58 -12.38
C PRO A 120 -15.45 -10.79 -12.72
N HIS A 121 -16.19 -11.50 -11.88
CA HIS A 121 -17.59 -11.79 -12.14
C HIS A 121 -18.53 -11.03 -11.24
N LEU A 122 -18.03 -10.02 -10.54
CA LEU A 122 -18.87 -9.09 -9.77
C LEU A 122 -19.57 -8.05 -10.69
N ALA A 123 -20.86 -7.81 -10.44
CA ALA A 123 -21.59 -6.70 -11.05
C ALA A 123 -22.05 -5.82 -9.88
N TYR A 124 -22.01 -4.51 -10.07
CA TYR A 124 -22.18 -3.59 -8.98
C TYR A 124 -23.09 -2.48 -9.42
N VAL A 125 -24.08 -2.17 -8.58
CA VAL A 125 -25.03 -1.12 -8.90
C VAL A 125 -25.01 -0.08 -7.78
N ASP A 126 -24.71 1.17 -8.13
CA ASP A 126 -24.77 2.34 -7.22
C ASP A 126 -26.09 3.09 -7.42
N ILE A 127 -26.79 3.36 -6.32
CA ILE A 127 -28.07 4.04 -6.39
C ILE A 127 -28.11 5.20 -5.40
N ASP A 128 -28.52 6.37 -5.85
CA ASP A 128 -28.76 7.50 -4.95
C ASP A 128 -29.71 8.45 -5.65
N TYR A 129 -30.06 9.55 -4.99
CA TYR A 129 -30.89 10.58 -5.59
C TYR A 129 -30.25 11.10 -6.87
N ASN A 130 -31.08 11.51 -7.80
CA ASN A 130 -30.62 12.14 -9.03
C ASN A 130 -29.49 13.15 -8.85
N GLU A 131 -29.67 14.10 -7.94
CA GLU A 131 -28.71 15.22 -7.83
C GLU A 131 -27.34 14.67 -7.36
N SER A 132 -27.42 13.67 -6.50
CA SER A 132 -26.21 13.04 -5.96
C SER A 132 -25.47 12.21 -7.02
N VAL A 133 -26.21 11.38 -7.75
CA VAL A 133 -25.57 10.54 -8.78
C VAL A 133 -25.04 11.41 -9.94
N GLU A 134 -25.75 12.49 -10.28
CA GLU A 134 -25.25 13.39 -11.33
C GLU A 134 -23.89 13.93 -10.94
N LEU A 135 -23.72 14.31 -9.69
CA LEU A 135 -22.41 14.81 -9.26
C LEU A 135 -21.34 13.73 -9.31
N LYS A 136 -21.65 12.52 -8.82
CA LYS A 136 -20.72 11.41 -8.86
C LYS A 136 -20.32 11.08 -10.29
N ASN A 137 -21.30 11.03 -11.20
CA ASN A 137 -21.06 10.78 -12.60
C ASN A 137 -20.09 11.80 -13.18
N SER A 138 -20.33 13.07 -12.87
CA SER A 138 -19.45 14.14 -13.36
C SER A 138 -18.02 13.91 -12.92
N ILE A 139 -17.87 13.57 -11.63
CA ILE A 139 -16.54 13.39 -11.05
C ILE A 139 -15.85 12.17 -11.66
N LEU A 140 -16.54 11.04 -11.72
CA LEU A 140 -15.95 9.81 -12.22
C LEU A 140 -15.47 9.92 -13.66
N ARG A 141 -16.21 10.69 -14.45
CA ARG A 141 -15.88 10.83 -15.86
C ARG A 141 -14.86 11.94 -16.11
N GLU A 142 -14.79 12.96 -15.25
CA GLU A 142 -13.83 14.05 -15.43
C GLU A 142 -12.40 13.67 -15.07
N SER A 143 -12.22 12.88 -14.01
CA SER A 143 -10.92 12.47 -13.54
C SER A 143 -10.38 11.37 -14.43
N GLU A 144 -9.18 11.54 -14.98
CA GLU A 144 -8.59 10.49 -15.82
C GLU A 144 -8.41 9.16 -15.09
N ILE A 145 -7.92 9.18 -13.85
CA ILE A 145 -7.63 7.93 -13.18
C ILE A 145 -8.94 7.22 -12.77
N LEU A 146 -9.97 7.99 -12.45
CA LEU A 146 -11.27 7.39 -12.16
C LEU A 146 -11.90 6.83 -13.43
N ARG A 147 -11.84 7.59 -14.53
CA ARG A 147 -12.30 7.08 -15.84
C ARG A 147 -11.67 5.72 -16.13
N ILE A 148 -10.35 5.64 -15.99
CA ILE A 148 -9.61 4.41 -16.35
C ILE A 148 -10.05 3.25 -15.46
N SER A 149 -10.31 3.55 -14.20
CA SER A 149 -10.68 2.54 -13.22
C SER A 149 -12.01 1.85 -13.58
N LEU A 150 -12.90 2.54 -14.28
CA LEU A 150 -14.19 1.98 -14.63
C LEU A 150 -14.43 1.76 -16.12
N GLY A 151 -13.44 2.09 -16.95
CA GLY A 151 -13.62 2.02 -18.39
C GLY A 151 -14.60 3.02 -18.98
N LEU A 152 -14.60 4.24 -18.46
CA LEU A 152 -15.57 5.25 -18.90
C LEU A 152 -15.10 6.16 -20.01
N SER A 153 -16.03 6.58 -20.87
CA SER A 153 -15.83 7.76 -21.70
C SER A 153 -15.96 9.03 -20.88
N LYS A 154 -15.23 10.05 -21.31
CA LYS A 154 -15.35 11.39 -20.77
C LYS A 154 -16.77 11.92 -20.95
N GLU A 155 -17.40 11.53 -22.06
CA GLU A 155 -18.76 11.97 -22.40
C GLU A 155 -19.82 11.11 -21.69
N ASP A 156 -21.00 11.71 -21.44
CA ASP A 156 -22.14 11.01 -20.86
C ASP A 156 -22.86 10.18 -21.93
N THR A 157 -22.44 8.94 -22.11
CA THR A 157 -22.94 8.11 -23.21
C THR A 157 -24.06 7.17 -22.79
N ALA A 158 -24.43 7.18 -21.51
CA ALA A 158 -25.44 6.24 -21.02
C ALA A 158 -26.82 6.81 -21.23
N LYS A 159 -27.77 5.91 -21.47
CA LYS A 159 -29.14 6.30 -21.72
C LYS A 159 -29.93 6.02 -20.47
N SER A 160 -30.95 6.82 -20.22
CA SER A 160 -31.86 6.58 -19.10
C SER A 160 -32.21 5.09 -19.11
N PRO A 161 -32.30 4.45 -17.95
CA PRO A 161 -32.32 5.11 -16.63
C PRO A 161 -30.96 5.20 -15.90
N PHE A 162 -29.86 5.07 -16.61
CA PHE A 162 -28.54 5.12 -16.00
C PHE A 162 -27.77 6.37 -16.37
N LEU A 163 -26.88 6.80 -15.46
CA LEU A 163 -25.84 7.77 -15.75
C LEU A 163 -24.53 7.08 -16.18
N ILE A 164 -24.24 5.92 -15.59
CA ILE A 164 -23.18 5.04 -16.05
C ILE A 164 -23.77 3.64 -16.22
N ASP A 165 -23.44 3.01 -17.33
CA ASP A 165 -23.94 1.68 -17.68
C ASP A 165 -22.79 0.99 -18.40
N GLN A 166 -21.78 0.65 -17.63
CA GLN A 166 -20.51 0.34 -18.24
C GLN A 166 -20.11 -0.96 -17.73
N GLY A 167 -20.84 -2.00 -18.20
CA GLY A 167 -20.46 -3.41 -18.16
C GLY A 167 -20.84 -4.19 -16.91
N ARG A 168 -20.00 -4.03 -15.90
CA ARG A 168 -20.22 -4.64 -14.60
C ARG A 168 -20.47 -3.55 -13.55
N TYR A 169 -20.61 -2.31 -13.99
CA TYR A 169 -20.90 -1.19 -13.09
C TYR A 169 -22.01 -0.32 -13.64
N LYS A 170 -23.01 -0.06 -12.80
CA LYS A 170 -24.08 0.87 -13.12
C LYS A 170 -24.25 1.93 -12.02
N LEU A 171 -24.55 3.17 -12.43
CA LEU A 171 -24.85 4.27 -11.51
C LEU A 171 -26.21 4.81 -11.95
N ALA A 172 -27.19 4.76 -11.07
CA ALA A 172 -28.57 5.13 -11.39
C ALA A 172 -29.20 5.99 -10.30
N ALA A 173 -29.98 6.95 -10.77
CA ALA A 173 -30.82 7.80 -9.93
C ALA A 173 -32.06 7.06 -9.49
N CYS A 174 -32.40 7.21 -8.22
CA CYS A 174 -33.63 6.67 -7.69
C CYS A 174 -33.94 7.33 -6.36
N ASP A 175 -35.22 7.55 -6.10
CA ASP A 175 -35.65 7.90 -4.76
C ASP A 175 -36.10 6.62 -4.09
N LEU A 176 -35.30 6.12 -3.14
CA LEU A 176 -35.56 4.86 -2.48
C LEU A 176 -36.74 4.86 -1.49
N ASN A 177 -37.31 6.04 -1.27
CA ASN A 177 -38.62 6.16 -0.62
C ASN A 177 -39.79 5.80 -1.55
N ASP A 178 -39.50 5.56 -2.82
CA ASP A 178 -40.51 5.29 -3.82
C ASP A 178 -40.32 3.85 -4.26
N ILE A 179 -41.09 2.92 -3.71
CA ILE A 179 -40.83 1.50 -4.02
C ILE A 179 -41.07 1.12 -5.46
N THR A 180 -42.02 1.77 -6.11
CA THR A 180 -42.30 1.48 -7.53
C THR A 180 -41.11 1.87 -8.42
N GLU A 181 -40.56 3.06 -8.20
CA GLU A 181 -39.33 3.48 -8.89
C GLU A 181 -38.19 2.50 -8.64
N THR A 182 -38.04 2.15 -7.37
CA THR A 182 -36.98 1.26 -6.93
C THR A 182 -37.10 -0.11 -7.56
N THR A 183 -38.30 -0.71 -7.54
CA THR A 183 -38.42 -2.04 -8.17
C THR A 183 -38.27 -2.00 -9.67
N ARG A 184 -38.74 -0.94 -10.30
CA ARG A 184 -38.57 -0.77 -11.75
C ARG A 184 -37.10 -0.64 -12.13
N LEU A 185 -36.33 0.04 -11.29
CA LEU A 185 -34.88 0.16 -11.52
C LEU A 185 -34.20 -1.19 -11.37
N LEU A 186 -34.47 -1.85 -10.26
CA LEU A 186 -33.82 -3.13 -9.97
C LEU A 186 -34.13 -4.16 -11.06
N ASP A 187 -35.30 -4.09 -11.67
CA ASP A 187 -35.69 -5.04 -12.69
C ASP A 187 -34.85 -4.96 -13.98
N VAL A 188 -34.22 -3.81 -14.21
CA VAL A 188 -33.38 -3.64 -15.39
C VAL A 188 -31.88 -3.58 -15.07
N CYS A 189 -31.47 -3.85 -13.84
CA CYS A 189 -30.04 -3.94 -13.57
C CYS A 189 -29.60 -5.09 -12.68
N THR A 190 -30.52 -6.00 -12.34
CA THR A 190 -30.20 -7.17 -11.52
C THR A 190 -31.04 -8.34 -12.01
N LYS A 191 -30.63 -9.55 -11.63
CA LYS A 191 -31.46 -10.74 -11.84
C LYS A 191 -31.76 -11.40 -10.49
N ARG A 192 -32.99 -11.89 -10.37
CA ARG A 192 -33.45 -12.61 -9.19
C ARG A 192 -32.54 -13.70 -8.66
N GLU A 193 -31.96 -14.49 -9.57
CA GLU A 193 -31.23 -15.75 -9.26
C GLU A 193 -29.76 -15.56 -8.89
N ILE A 194 -29.18 -14.39 -9.16
CA ILE A 194 -27.77 -14.18 -8.85
C ILE A 194 -27.61 -13.83 -7.39
N PRO A 195 -26.65 -14.45 -6.71
CA PRO A 195 -26.36 -14.09 -5.33
C PRO A 195 -26.11 -12.58 -5.19
N THR A 196 -26.73 -11.98 -4.21
CA THR A 196 -26.81 -10.53 -4.14
C THR A 196 -26.34 -10.04 -2.80
N ILE A 197 -25.47 -9.01 -2.79
CA ILE A 197 -25.18 -8.29 -1.58
C ILE A 197 -25.89 -6.95 -1.67
N VAL A 198 -26.66 -6.61 -0.64
CA VAL A 198 -27.30 -5.32 -0.50
C VAL A 198 -26.57 -4.54 0.61
N ILE A 199 -26.18 -3.30 0.30
CA ILE A 199 -25.47 -2.43 1.23
C ILE A 199 -26.33 -1.22 1.55
N SER A 200 -26.53 -0.96 2.84
CA SER A 200 -27.16 0.26 3.29
C SER A 200 -26.33 0.85 4.40
N GLU A 201 -25.41 1.72 4.00
CA GLU A 201 -24.45 2.33 4.94
C GLU A 201 -24.91 3.75 5.20
N CYS A 202 -25.44 3.97 6.40
CA CYS A 202 -25.98 5.26 6.79
C CYS A 202 -27.04 5.77 5.78
N LEU A 203 -27.91 4.87 5.35
CA LEU A 203 -29.02 5.23 4.47
C LEU A 203 -30.33 5.18 5.24
N LEU A 204 -30.62 4.02 5.83
CA LEU A 204 -31.92 3.79 6.50
C LEU A 204 -32.22 4.72 7.67
N CYS A 205 -31.21 5.23 8.36
CA CYS A 205 -31.42 6.19 9.46
C CYS A 205 -32.16 7.46 9.05
N TYR A 206 -32.10 7.81 7.76
CA TYR A 206 -32.74 9.03 7.28
C TYR A 206 -34.16 8.77 6.79
N MET A 207 -34.65 7.54 6.89
CA MET A 207 -35.98 7.19 6.39
C MET A 207 -36.98 6.96 7.50
N HIS A 208 -38.23 7.22 7.19
CA HIS A 208 -39.30 6.84 8.07
C HIS A 208 -39.44 5.32 8.05
N ASN A 209 -39.99 4.78 9.10
CA ASN A 209 -40.04 3.34 9.23
C ASN A 209 -40.83 2.65 8.12
N ASN A 210 -41.94 3.23 7.68
CA ASN A 210 -42.70 2.60 6.59
C ASN A 210 -41.82 2.43 5.35
N GLU A 211 -41.05 3.45 5.03
CA GLU A 211 -40.24 3.47 3.81
C GLU A 211 -39.09 2.50 3.94
N SER A 212 -38.43 2.50 5.10
CA SER A 212 -37.31 1.57 5.28
C SER A 212 -37.82 0.13 5.29
N GLN A 213 -38.97 -0.11 5.94
CA GLN A 213 -39.42 -1.50 6.06
C GLN A 213 -39.89 -2.07 4.74
N LEU A 214 -40.58 -1.25 3.95
CA LEU A 214 -41.03 -1.72 2.66
C LEU A 214 -39.85 -1.99 1.76
N LEU A 215 -38.79 -1.19 1.91
CA LEU A 215 -37.58 -1.34 1.13
C LEU A 215 -36.89 -2.66 1.45
N ILE A 216 -36.77 -2.96 2.75
CA ILE A 216 -36.17 -4.19 3.22
C ILE A 216 -37.00 -5.38 2.73
N ASN A 217 -38.31 -5.34 3.00
CA ASN A 217 -39.16 -6.47 2.66
C ASN A 217 -39.18 -6.75 1.17
N THR A 218 -39.24 -5.71 0.37
CA THR A 218 -39.36 -5.83 -1.09
C THR A 218 -38.08 -6.40 -1.69
N ILE A 219 -36.94 -5.88 -1.26
CA ILE A 219 -35.67 -6.31 -1.78
C ILE A 219 -35.30 -7.73 -1.32
N MET A 220 -35.58 -8.11 -0.07
CA MET A 220 -35.36 -9.50 0.37
C MET A 220 -36.27 -10.49 -0.37
N SER A 221 -37.49 -10.06 -0.68
CA SER A 221 -38.42 -10.88 -1.48
C SER A 221 -37.99 -11.05 -2.93
N LYS A 222 -37.26 -10.08 -3.45
CA LYS A 222 -36.88 -10.05 -4.87
C LYS A 222 -35.69 -10.94 -5.25
N PHE A 223 -34.80 -11.23 -4.33
CA PHE A 223 -33.63 -12.02 -4.65
C PHE A 223 -33.67 -13.35 -3.89
N SER A 224 -33.39 -14.43 -4.60
CA SER A 224 -33.37 -15.77 -4.02
C SER A 224 -32.32 -15.93 -2.94
N HIS A 225 -31.14 -15.38 -3.14
CA HIS A 225 -30.00 -15.70 -2.30
C HIS A 225 -29.25 -14.40 -2.02
N GLY A 226 -29.30 -13.95 -0.77
CA GLY A 226 -28.79 -12.62 -0.43
C GLY A 226 -28.10 -12.48 0.91
N LEU A 227 -27.36 -11.37 0.99
CA LEU A 227 -26.73 -10.90 2.18
C LEU A 227 -26.98 -9.38 2.18
N TRP A 228 -27.58 -8.89 3.26
CA TRP A 228 -27.80 -7.46 3.47
C TRP A 228 -26.84 -7.02 4.56
N ILE A 229 -26.00 -6.02 4.24
CA ILE A 229 -25.08 -5.45 5.21
C ILE A 229 -25.58 -4.04 5.49
N SER A 230 -25.99 -3.78 6.73
CA SER A 230 -26.46 -2.47 7.09
C SER A 230 -25.63 -1.90 8.21
N TYR A 231 -25.37 -0.60 8.13
CA TYR A 231 -24.61 0.11 9.16
C TYR A 231 -25.42 1.40 9.44
N ASP A 232 -25.54 1.74 10.71
CA ASP A 232 -26.38 2.86 11.14
C ASP A 232 -26.10 3.17 12.60
N PRO A 233 -26.53 4.33 13.09
CA PRO A 233 -26.46 4.59 14.52
C PRO A 233 -27.67 4.00 15.24
N ILE A 234 -27.58 3.84 16.54
CA ILE A 234 -28.73 3.51 17.41
C ILE A 234 -28.79 4.53 18.55
N GLY A 235 -30.00 4.81 19.00
CA GLY A 235 -30.22 5.79 20.06
C GLY A 235 -29.57 5.46 21.39
N GLY A 236 -29.49 4.17 21.71
CA GLY A 236 -28.94 3.69 22.96
C GLY A 236 -30.06 3.24 23.88
N SER A 237 -29.86 2.13 24.58
CA SER A 237 -30.89 1.50 25.42
C SER A 237 -30.64 1.58 26.94
N GLN A 238 -29.38 1.47 27.39
CA GLN A 238 -29.09 1.61 28.83
C GLN A 238 -29.76 2.89 29.36
N PRO A 239 -30.19 2.91 30.62
CA PRO A 239 -30.90 4.08 31.16
C PRO A 239 -29.95 5.26 31.30
N ASN A 240 -30.50 6.46 31.26
CA ASN A 240 -29.73 7.66 31.43
C ASN A 240 -28.70 7.81 30.31
N ASP A 241 -29.07 7.28 29.13
CA ASP A 241 -28.26 7.42 27.93
C ASP A 241 -28.94 8.43 27.03
N ARG A 242 -28.35 9.62 26.96
CA ARG A 242 -28.89 10.74 26.23
C ARG A 242 -28.45 10.80 24.76
N PHE A 243 -27.61 9.85 24.33
CA PHE A 243 -27.00 9.89 22.99
C PHE A 243 -28.00 10.18 21.88
N GLY A 244 -29.08 9.40 21.84
CA GLY A 244 -30.07 9.53 20.79
C GLY A 244 -30.78 10.87 20.84
N ALA A 245 -31.30 11.21 22.02
CA ALA A 245 -31.95 12.50 22.24
C ALA A 245 -31.05 13.63 21.81
N ILE A 246 -29.79 13.57 22.21
CA ILE A 246 -28.85 14.63 21.91
C ILE A 246 -28.60 14.73 20.41
N MET A 247 -28.40 13.58 19.75
CA MET A 247 -28.15 13.54 18.31
C MET A 247 -29.32 14.09 17.52
N GLN A 248 -30.54 13.71 17.89
CA GLN A 248 -31.73 14.18 17.18
C GLN A 248 -31.86 15.70 17.31
N SER A 249 -31.73 16.19 18.55
CA SER A 249 -31.76 17.62 18.81
C SER A 249 -30.63 18.35 18.07
N ASN A 250 -29.42 17.81 18.13
CA ASN A 250 -28.27 18.41 17.44
C ASN A 250 -28.48 18.48 15.92
N LEU A 251 -29.14 17.46 15.36
CA LEU A 251 -29.37 17.42 13.92
C LEU A 251 -30.50 18.34 13.44
N LYS A 252 -31.54 18.51 14.26
CA LYS A 252 -32.69 19.35 13.89
C LYS A 252 -32.31 20.83 14.04
N GLU A 253 -31.78 21.17 15.21
CA GLU A 253 -31.31 22.52 15.51
C GLU A 253 -30.25 22.97 14.49
N SER A 254 -29.17 22.22 14.36
CA SER A 254 -28.04 22.62 13.54
C SER A 254 -28.31 22.59 12.04
N ARG A 255 -29.00 21.54 11.59
CA ARG A 255 -29.10 21.26 10.16
C ARG A 255 -30.49 20.98 9.59
N ASN A 256 -31.52 21.04 10.43
CA ASN A 256 -32.88 20.71 9.99
C ASN A 256 -32.94 19.30 9.37
N LEU A 257 -32.25 18.37 10.02
CA LEU A 257 -32.15 16.98 9.57
C LEU A 257 -32.79 16.05 10.59
N GLU A 258 -33.42 14.96 10.12
CA GLU A 258 -34.07 14.01 11.01
C GLU A 258 -33.53 12.59 10.82
N MET A 259 -33.48 11.87 11.94
CA MET A 259 -33.25 10.44 11.95
C MET A 259 -34.46 9.86 12.64
N PRO A 260 -35.50 9.57 11.87
CA PRO A 260 -36.82 9.27 12.45
C PRO A 260 -36.94 8.04 13.32
N THR A 261 -36.15 7.00 13.09
CA THR A 261 -36.27 5.75 13.87
C THR A 261 -35.09 5.49 14.82
N LEU A 262 -34.28 6.51 15.09
CA LEU A 262 -33.10 6.35 15.94
C LEU A 262 -33.44 5.90 17.37
N MET A 263 -34.55 6.39 17.91
CA MET A 263 -35.02 6.00 19.24
C MET A 263 -35.91 4.75 19.19
N THR A 264 -36.62 4.55 18.09
CA THR A 264 -37.37 3.33 17.88
C THR A 264 -36.46 2.10 17.92
N TYR A 265 -35.39 2.17 17.13
CA TYR A 265 -34.42 1.09 17.06
C TYR A 265 -33.20 1.53 17.85
N ASN A 266 -33.34 1.51 19.16
CA ASN A 266 -32.33 2.07 20.05
C ASN A 266 -31.35 1.04 20.60
N SER A 267 -31.57 -0.24 20.28
CA SER A 267 -30.63 -1.30 20.60
C SER A 267 -30.28 -2.07 19.34
N LYS A 268 -29.17 -2.80 19.37
CA LYS A 268 -28.79 -3.62 18.21
C LYS A 268 -29.83 -4.73 17.95
N GLU A 269 -30.47 -5.21 19.00
CA GLU A 269 -31.47 -6.27 18.88
C GLU A 269 -32.72 -5.76 18.16
N LYS A 270 -33.24 -4.60 18.58
CA LYS A 270 -34.39 -3.97 17.95
C LYS A 270 -34.06 -3.70 16.49
N TYR A 271 -32.88 -3.16 16.23
CA TYR A 271 -32.48 -2.84 14.86
C TYR A 271 -32.52 -4.10 13.98
N ALA A 272 -31.96 -5.19 14.47
CA ALA A 272 -31.84 -6.42 13.70
C ALA A 272 -33.19 -7.06 13.43
N SER A 273 -34.17 -6.79 14.29
CA SER A 273 -35.52 -7.34 14.14
C SER A 273 -36.22 -6.92 12.83
N ARG A 274 -35.76 -5.82 12.24
CA ARG A 274 -36.29 -5.36 10.97
C ARG A 274 -36.05 -6.38 9.85
N TRP A 275 -35.02 -7.21 10.00
CA TRP A 275 -34.72 -8.26 9.03
C TRP A 275 -35.14 -9.64 9.57
N SER A 276 -36.15 -9.69 10.44
CA SER A 276 -36.50 -10.96 11.05
C SER A 276 -37.07 -12.00 10.06
N ALA A 277 -37.49 -11.60 8.85
CA ALA A 277 -37.91 -12.55 7.81
C ALA A 277 -36.73 -13.35 7.24
N ALA A 278 -35.50 -12.86 7.41
CA ALA A 278 -34.29 -13.64 7.12
C ALA A 278 -33.99 -14.62 8.25
N PRO A 279 -33.58 -15.85 7.95
CA PRO A 279 -33.30 -16.83 9.00
C PRO A 279 -31.98 -16.61 9.73
N ASN A 280 -31.03 -15.94 9.08
CA ASN A 280 -29.67 -15.80 9.60
C ASN A 280 -29.39 -14.32 9.76
N VAL A 281 -29.52 -13.82 10.98
CA VAL A 281 -29.27 -12.40 11.27
C VAL A 281 -28.27 -12.24 12.40
N ILE A 282 -27.22 -11.46 12.11
CA ILE A 282 -26.15 -11.21 13.05
C ILE A 282 -26.05 -9.69 13.21
N VAL A 283 -25.87 -9.24 14.44
CA VAL A 283 -25.64 -7.85 14.68
C VAL A 283 -24.60 -7.64 15.76
N ASN A 284 -23.71 -6.67 15.53
CA ASN A 284 -22.72 -6.25 16.52
C ASN A 284 -22.60 -4.73 16.54
N ASP A 285 -22.25 -4.17 17.68
CA ASP A 285 -21.92 -2.75 17.71
C ASP A 285 -20.46 -2.63 17.32
N MET A 286 -19.98 -1.43 17.04
CA MET A 286 -18.67 -1.30 16.43
C MET A 286 -17.54 -1.44 17.44
N TRP A 287 -17.84 -1.28 18.72
CA TRP A 287 -16.86 -1.60 19.78
C TRP A 287 -16.61 -3.12 19.83
N GLU A 288 -17.67 -3.90 19.72
CA GLU A 288 -17.56 -5.35 19.65
C GLU A 288 -16.70 -5.74 18.44
N ILE A 289 -16.93 -5.08 17.30
CA ILE A 289 -16.10 -5.31 16.13
C ILE A 289 -14.64 -4.96 16.40
N PHE A 290 -14.40 -3.83 17.08
CA PHE A 290 -13.05 -3.38 17.37
C PHE A 290 -12.30 -4.42 18.21
N ASN A 291 -12.99 -5.00 19.17
CA ASN A 291 -12.34 -5.93 20.10
C ASN A 291 -12.21 -7.36 19.59
N ALA A 292 -13.11 -7.79 18.71
CA ALA A 292 -13.20 -9.18 18.29
C ALA A 292 -12.82 -9.48 16.83
N GLN A 293 -12.87 -8.48 15.94
CA GLN A 293 -12.55 -8.68 14.51
C GLN A 293 -11.31 -7.97 14.03
N ILE A 294 -10.84 -6.97 14.76
CA ILE A 294 -9.64 -6.28 14.36
C ILE A 294 -8.50 -7.10 14.98
N PRO A 295 -7.51 -7.56 14.20
CA PRO A 295 -6.35 -8.24 14.79
C PRO A 295 -5.51 -7.28 15.62
N GLU A 296 -4.79 -7.82 16.59
CA GLU A 296 -3.87 -7.01 17.38
C GLU A 296 -2.86 -6.25 16.52
N SER A 297 -2.40 -6.84 15.42
CA SER A 297 -1.51 -6.15 14.49
C SER A 297 -2.11 -4.83 13.96
N GLU A 298 -3.41 -4.82 13.70
CA GLU A 298 -4.10 -3.60 13.27
C GLU A 298 -4.24 -2.57 14.38
N ARG A 299 -4.60 -2.99 15.58
CA ARG A 299 -4.64 -2.05 16.68
C ARG A 299 -3.32 -1.37 16.94
N LYS A 300 -2.23 -2.13 16.83
CA LYS A 300 -0.91 -1.56 16.97
C LYS A 300 -0.60 -0.57 15.85
N ARG A 301 -0.95 -0.93 14.62
CA ARG A 301 -0.73 -0.02 13.48
C ARG A 301 -1.44 1.31 13.70
N LEU A 302 -2.71 1.26 14.08
CA LEU A 302 -3.48 2.47 14.25
C LEU A 302 -2.89 3.31 15.37
N ARG A 303 -2.39 2.68 16.42
CA ARG A 303 -1.72 3.40 17.51
C ARG A 303 -0.47 4.14 17.05
N SER A 304 0.14 3.68 15.97
CA SER A 304 1.29 4.37 15.41
C SER A 304 0.95 5.67 14.66
N LEU A 305 -0.32 5.88 14.30
CA LEU A 305 -0.70 6.99 13.40
C LEU A 305 -1.00 8.29 14.13
N GLN A 306 -1.81 8.16 15.18
CA GLN A 306 -2.29 9.29 15.96
C GLN A 306 -2.45 8.86 17.42
N PHE A 307 -2.55 9.83 18.29
CA PHE A 307 -2.89 9.55 19.69
C PHE A 307 -4.39 9.40 19.85
N LEU A 308 -4.83 8.24 20.30
CA LEU A 308 -6.20 8.09 20.80
C LEU A 308 -6.07 8.15 22.32
N ASP A 309 -6.14 9.35 22.85
CA ASP A 309 -5.96 9.55 24.29
C ASP A 309 -7.14 9.06 25.14
N GLU A 310 -8.31 8.87 24.53
CA GLU A 310 -9.56 8.66 25.28
C GLU A 310 -10.32 7.44 24.76
N LEU A 311 -9.82 6.26 25.09
CA LEU A 311 -10.38 5.03 24.60
C LEU A 311 -11.83 4.83 25.08
N GLU A 312 -12.11 5.13 26.35
CA GLU A 312 -13.52 5.07 26.80
C GLU A 312 -14.46 5.92 25.95
N GLU A 313 -14.05 7.13 25.56
CA GLU A 313 -14.89 7.96 24.72
C GLU A 313 -15.12 7.31 23.37
N LEU A 314 -14.09 6.63 22.85
CA LEU A 314 -14.30 5.83 21.63
C LEU A 314 -15.36 4.78 21.86
N LYS A 315 -15.22 4.02 22.94
CA LYS A 315 -16.23 3.02 23.28
C LYS A 315 -17.62 3.58 23.36
N VAL A 316 -17.80 4.67 24.11
CA VAL A 316 -19.12 5.24 24.29
C VAL A 316 -19.72 5.61 22.95
N MET A 317 -18.91 6.06 22.00
CA MET A 317 -19.44 6.42 20.69
C MET A 317 -19.79 5.19 19.87
N GLN A 318 -18.89 4.22 19.86
CA GLN A 318 -18.95 3.11 18.92
C GLN A 318 -19.97 2.08 19.35
N THR A 319 -20.36 2.08 20.63
CA THR A 319 -21.47 1.22 21.03
C THR A 319 -22.79 1.75 20.50
N HIS A 320 -22.78 2.93 19.90
CA HIS A 320 -23.98 3.51 19.28
C HIS A 320 -23.99 3.36 17.76
N TYR A 321 -23.05 2.61 17.19
CA TYR A 321 -23.09 2.27 15.76
C TYR A 321 -23.08 0.75 15.62
N ILE A 322 -23.90 0.23 14.72
CA ILE A 322 -24.00 -1.20 14.56
C ILE A 322 -23.83 -1.65 13.11
N LEU A 323 -23.44 -2.92 12.97
CA LEU A 323 -23.26 -3.57 11.71
C LEU A 323 -24.15 -4.82 11.76
N MET A 324 -25.15 -4.82 10.90
CA MET A 324 -26.15 -5.88 10.80
C MET A 324 -25.87 -6.68 9.53
N LYS A 325 -25.77 -8.01 9.63
CA LYS A 325 -25.66 -8.89 8.47
C LYS A 325 -26.83 -9.88 8.50
N ALA A 326 -27.69 -9.79 7.49
CA ALA A 326 -28.84 -10.69 7.31
C ALA A 326 -28.61 -11.50 6.04
N GLN A 327 -28.79 -12.81 6.13
CA GLN A 327 -28.61 -13.69 4.98
C GLN A 327 -29.86 -14.55 4.82
N TRP A 328 -30.26 -14.76 3.57
CA TRP A 328 -31.40 -15.61 3.23
C TRP A 328 -31.14 -16.38 1.94
N HIS A 329 -31.92 -17.42 1.71
CA HIS A 329 -31.84 -18.16 0.47
C HIS A 329 -33.18 -18.85 0.24
N GLU B 2 21.77 -34.21 -8.10
CA GLU B 2 21.61 -35.21 -9.21
C GLU B 2 20.71 -34.65 -10.34
N ARG B 3 21.21 -34.74 -11.56
CA ARG B 3 20.58 -34.10 -12.72
C ARG B 3 19.19 -34.66 -13.01
N ILE B 4 19.03 -35.96 -12.84
CA ILE B 4 17.78 -36.62 -13.16
C ILE B 4 16.65 -36.13 -12.23
N ILE B 5 16.96 -35.92 -10.95
CA ILE B 5 15.95 -35.48 -9.99
C ILE B 5 15.56 -34.03 -10.26
N GLN B 6 16.57 -33.23 -10.60
CA GLN B 6 16.36 -31.85 -11.04
C GLN B 6 15.48 -31.80 -12.28
N GLN B 7 15.61 -32.78 -13.19
CA GLN B 7 14.83 -32.75 -14.46
C GLN B 7 13.34 -33.12 -14.37
N THR B 8 12.91 -33.60 -13.20
CA THR B 8 11.50 -33.83 -12.94
C THR B 8 10.72 -32.52 -12.94
N ASP B 9 11.41 -31.41 -12.73
CA ASP B 9 10.77 -30.10 -12.84
C ASP B 9 10.29 -29.82 -14.27
N TYR B 10 10.96 -30.37 -15.27
CA TYR B 10 10.52 -30.16 -16.65
C TYR B 10 9.11 -30.73 -16.88
N ASP B 11 8.84 -31.89 -16.29
CA ASP B 11 7.52 -32.48 -16.34
C ASP B 11 6.52 -31.59 -15.60
N ALA B 12 6.91 -31.09 -14.43
CA ALA B 12 6.04 -30.17 -13.67
C ALA B 12 5.68 -28.91 -14.46
N LEU B 13 6.68 -28.27 -15.04
CA LEU B 13 6.49 -27.06 -15.84
C LEU B 13 5.69 -27.33 -17.10
N SER B 14 5.96 -28.45 -17.79
CA SER B 14 5.17 -28.86 -18.96
C SER B 14 3.71 -28.98 -18.62
N CYS B 15 3.45 -29.58 -17.47
CA CYS B 15 2.07 -29.80 -17.05
C CYS B 15 1.43 -28.47 -16.70
N LYS B 16 2.17 -27.63 -15.98
CA LYS B 16 1.68 -26.30 -15.65
C LYS B 16 1.30 -25.51 -16.90
N LEU B 17 2.21 -25.51 -17.88
CA LEU B 17 2.00 -24.76 -19.10
C LEU B 17 0.84 -25.33 -19.93
N ALA B 18 0.68 -26.66 -19.95
CA ALA B 18 -0.40 -27.28 -20.72
C ALA B 18 -1.75 -26.94 -20.12
N ALA B 19 -1.83 -26.92 -18.80
CA ALA B 19 -3.07 -26.51 -18.12
C ALA B 19 -3.44 -25.06 -18.38
N ILE B 20 -2.45 -24.20 -18.48
CA ILE B 20 -2.69 -22.79 -18.78
C ILE B 20 -3.08 -22.62 -20.25
N SER B 21 -2.38 -23.32 -21.13
CA SER B 21 -2.67 -23.36 -22.56
C SER B 21 -4.14 -23.69 -22.84
N VAL B 22 -4.68 -24.73 -22.18
CA VAL B 22 -6.08 -25.10 -22.39
C VAL B 22 -7.03 -24.19 -21.58
N GLY B 23 -6.49 -23.33 -20.72
CA GLY B 23 -7.27 -22.35 -19.94
C GLY B 23 -7.85 -22.84 -18.60
N TYR B 24 -7.57 -24.08 -18.21
CA TYR B 24 -7.97 -24.54 -16.87
C TYR B 24 -7.40 -23.64 -15.79
N LEU B 25 -6.14 -23.25 -15.98
CA LEU B 25 -5.53 -22.21 -15.15
C LEU B 25 -5.32 -20.99 -16.04
N PRO B 26 -5.39 -19.78 -15.49
CA PRO B 26 -5.74 -19.53 -14.09
C PRO B 26 -7.21 -19.78 -13.76
N SER B 27 -7.51 -20.05 -12.49
CA SER B 27 -8.85 -20.01 -11.95
C SER B 27 -8.99 -18.77 -11.09
N SER B 28 -9.64 -17.74 -11.62
CA SER B 28 -9.69 -16.48 -10.90
C SER B 28 -10.48 -16.67 -9.58
N GLY B 29 -11.43 -17.59 -9.56
CA GLY B 29 -12.18 -17.86 -8.34
C GLY B 29 -11.35 -18.55 -7.26
N LEU B 30 -10.75 -19.67 -7.62
CA LEU B 30 -10.08 -20.53 -6.65
C LEU B 30 -8.70 -20.04 -6.30
N GLN B 31 -8.00 -19.43 -7.27
CA GLN B 31 -6.70 -18.78 -6.99
C GLN B 31 -6.85 -17.32 -6.52
N ARG B 32 -8.08 -16.83 -6.45
CA ARG B 32 -8.38 -15.48 -5.92
C ARG B 32 -7.65 -14.35 -6.67
N LEU B 33 -7.61 -14.48 -7.98
CA LEU B 33 -6.92 -13.53 -8.83
C LEU B 33 -7.84 -12.43 -9.33
N SER B 34 -7.27 -11.23 -9.45
CA SER B 34 -7.96 -10.09 -10.02
C SER B 34 -8.03 -10.21 -11.55
N VAL B 35 -8.74 -9.29 -12.20
CA VAL B 35 -8.75 -9.24 -13.65
C VAL B 35 -7.32 -9.17 -14.18
N ASP B 36 -6.55 -8.25 -13.63
CA ASP B 36 -5.21 -7.98 -14.16
C ASP B 36 -4.25 -9.11 -13.84
N LEU B 37 -4.38 -9.71 -12.65
CA LEU B 37 -3.48 -10.80 -12.25
C LEU B 37 -3.81 -12.10 -12.95
N SER B 38 -5.07 -12.30 -13.36
CA SER B 38 -5.43 -13.46 -14.17
C SER B 38 -4.71 -13.38 -15.51
N LYS B 39 -4.65 -12.16 -16.06
CA LYS B 39 -3.97 -11.94 -17.33
C LYS B 39 -2.47 -12.15 -17.16
N LYS B 40 -1.91 -11.54 -16.12
CA LYS B 40 -0.47 -11.65 -15.82
C LYS B 40 -0.05 -13.10 -15.57
N TYR B 41 -0.87 -13.87 -14.86
CA TYR B 41 -0.57 -15.27 -14.63
C TYR B 41 -0.22 -15.98 -15.95
N THR B 42 -1.04 -15.81 -16.97
CA THR B 42 -0.78 -16.44 -18.25
C THR B 42 0.48 -15.84 -18.89
N GLU B 43 0.58 -14.51 -18.90
CA GLU B 43 1.69 -13.82 -19.57
C GLU B 43 3.04 -14.17 -18.95
N TRP B 44 3.09 -14.27 -17.63
CA TRP B 44 4.31 -14.63 -16.93
C TRP B 44 4.77 -16.03 -17.31
N HIS B 45 3.84 -16.97 -17.36
CA HIS B 45 4.20 -18.33 -17.71
C HIS B 45 4.64 -18.42 -19.17
N ARG B 46 3.95 -17.70 -20.05
CA ARG B 46 4.33 -17.69 -21.46
C ARG B 46 5.76 -17.10 -21.63
N SER B 47 6.05 -16.03 -20.91
CA SER B 47 7.39 -15.43 -20.92
C SER B 47 8.46 -16.38 -20.38
N TYR B 48 8.11 -17.12 -19.34
CA TYR B 48 9.01 -18.08 -18.73
C TYR B 48 9.43 -19.14 -19.75
N LEU B 49 8.50 -19.63 -20.55
CA LEU B 49 8.78 -20.66 -21.53
C LEU B 49 9.67 -20.12 -22.65
N ILE B 50 9.33 -18.93 -23.13
CA ILE B 50 10.08 -18.32 -24.25
C ILE B 50 11.47 -18.02 -23.75
N THR B 51 11.56 -17.65 -22.48
CA THR B 51 12.86 -17.29 -21.94
C THR B 51 13.71 -18.53 -21.67
N LEU B 52 13.05 -19.62 -21.22
CA LEU B 52 13.71 -20.92 -21.11
C LEU B 52 14.37 -21.31 -22.46
N LYS B 53 13.66 -21.11 -23.57
CA LYS B 53 14.20 -21.45 -24.88
C LYS B 53 15.52 -20.74 -25.11
N LYS B 54 15.57 -19.48 -24.71
CA LYS B 54 16.78 -18.70 -24.87
C LYS B 54 17.95 -19.30 -24.10
N PHE B 55 17.70 -19.84 -22.91
CA PHE B 55 18.74 -20.41 -22.06
C PHE B 55 19.10 -21.89 -22.26
N SER B 56 18.21 -22.68 -22.86
CA SER B 56 18.47 -24.09 -23.08
C SER B 56 17.58 -24.66 -24.18
N ARG B 57 18.18 -24.94 -25.33
CA ARG B 57 17.48 -25.67 -26.38
C ARG B 57 17.04 -27.05 -25.87
N ARG B 58 17.86 -27.71 -25.05
CA ARG B 58 17.55 -29.07 -24.63
C ARG B 58 16.33 -29.06 -23.74
N ALA B 59 16.36 -28.19 -22.72
CA ALA B 59 15.30 -28.14 -21.74
C ALA B 59 13.99 -27.67 -22.39
N PHE B 60 14.09 -26.67 -23.25
CA PHE B 60 12.93 -26.17 -23.96
C PHE B 60 12.28 -27.25 -24.81
N GLY B 61 13.08 -28.07 -25.49
CA GLY B 61 12.54 -29.15 -26.31
C GLY B 61 11.79 -30.17 -25.48
N LYS B 62 12.35 -30.54 -24.34
CA LYS B 62 11.69 -31.51 -23.46
C LYS B 62 10.38 -30.97 -22.94
N VAL B 63 10.37 -29.70 -22.52
CA VAL B 63 9.16 -29.07 -21.98
C VAL B 63 8.11 -28.89 -23.07
N ASP B 64 8.53 -28.36 -24.22
CA ASP B 64 7.66 -28.12 -25.36
C ASP B 64 6.96 -29.37 -25.87
N LYS B 65 7.71 -30.46 -25.99
CA LYS B 65 7.17 -31.72 -26.51
C LYS B 65 6.18 -32.29 -25.51
N ALA B 66 6.52 -32.23 -24.22
CA ALA B 66 5.65 -32.74 -23.17
C ALA B 66 4.35 -31.93 -23.06
N MET B 67 4.44 -30.63 -23.29
CA MET B 67 3.31 -29.70 -23.16
C MET B 67 2.29 -29.93 -24.27
N ARG B 68 2.80 -30.04 -25.49
CA ARG B 68 1.97 -30.27 -26.68
C ARG B 68 1.24 -31.61 -26.68
N SER B 69 1.80 -32.60 -25.98
CA SER B 69 1.26 -33.96 -25.94
C SER B 69 0.54 -34.30 -24.63
N SER B 70 0.00 -33.27 -23.96
CA SER B 70 -0.76 -33.50 -22.73
C SER B 70 -2.16 -33.93 -23.12
N PHE B 71 -2.91 -34.44 -22.14
CA PHE B 71 -4.31 -34.77 -22.37
C PHE B 71 -5.21 -34.29 -21.23
N PRO B 72 -6.53 -34.28 -21.47
CA PRO B 72 -7.47 -33.79 -20.49
C PRO B 72 -7.32 -34.38 -19.08
N VAL B 73 -7.11 -35.68 -18.92
CA VAL B 73 -6.97 -36.23 -17.56
C VAL B 73 -5.74 -35.60 -16.84
N MET B 74 -4.62 -35.41 -17.57
CA MET B 74 -3.45 -34.77 -16.99
C MET B 74 -3.69 -33.30 -16.68
N ASN B 75 -4.35 -32.57 -17.57
CA ASN B 75 -4.61 -31.15 -17.34
C ASN B 75 -5.51 -30.96 -16.13
N TYR B 76 -6.50 -31.84 -15.94
CA TYR B 76 -7.37 -31.77 -14.77
C TYR B 76 -6.54 -32.00 -13.52
N GLY B 77 -5.63 -32.99 -13.62
CA GLY B 77 -4.73 -33.31 -12.53
C GLY B 77 -3.93 -32.10 -12.06
N THR B 78 -3.39 -31.39 -13.03
CA THR B 78 -2.53 -30.24 -12.75
C THR B 78 -3.34 -29.11 -12.15
N TYR B 79 -4.55 -28.92 -12.66
CA TYR B 79 -5.48 -27.92 -12.14
C TYR B 79 -5.77 -28.20 -10.67
N LEU B 80 -6.11 -29.44 -10.36
CA LEU B 80 -6.51 -29.82 -8.99
C LEU B 80 -5.36 -29.59 -8.02
N ARG B 81 -4.21 -30.04 -8.43
CA ARG B 81 -2.98 -29.93 -7.68
C ARG B 81 -2.71 -28.46 -7.35
N THR B 82 -2.81 -27.61 -8.37
CA THR B 82 -2.55 -26.19 -8.20
C THR B 82 -3.62 -25.45 -7.39
N VAL B 83 -4.90 -25.66 -7.66
CA VAL B 83 -5.91 -24.95 -6.87
C VAL B 83 -6.04 -25.47 -5.45
N GLY B 84 -5.73 -26.75 -5.22
CA GLY B 84 -5.83 -27.31 -3.89
C GLY B 84 -4.75 -26.72 -3.00
N ILE B 85 -3.52 -26.60 -3.53
CA ILE B 85 -2.43 -26.01 -2.77
C ILE B 85 -2.75 -24.55 -2.53
N ASP B 86 -3.22 -23.89 -3.58
CA ASP B 86 -3.50 -22.44 -3.52
C ASP B 86 -4.57 -22.13 -2.50
N ALA B 87 -5.61 -22.95 -2.45
CA ALA B 87 -6.69 -22.74 -1.49
C ALA B 87 -6.15 -22.73 -0.05
N ALA B 88 -5.26 -23.67 0.24
CA ALA B 88 -4.64 -23.78 1.56
C ALA B 88 -3.76 -22.58 1.92
N ILE B 89 -2.97 -22.14 0.95
CA ILE B 89 -2.10 -20.97 1.12
C ILE B 89 -2.97 -19.75 1.40
N LEU B 90 -4.03 -19.59 0.60
CA LEU B 90 -4.79 -18.36 0.60
C LEU B 90 -5.56 -18.22 1.90
N GLU B 91 -6.08 -19.33 2.43
CA GLU B 91 -6.78 -19.23 3.71
C GLU B 91 -5.84 -18.74 4.80
N PHE B 92 -4.61 -19.24 4.80
CA PHE B 92 -3.64 -18.88 5.83
C PHE B 92 -3.14 -17.44 5.66
N LEU B 93 -2.91 -16.99 4.42
CA LEU B 93 -2.42 -15.62 4.19
C LEU B 93 -3.48 -14.58 4.55
N VAL B 94 -4.74 -14.91 4.29
CA VAL B 94 -5.83 -14.01 4.62
C VAL B 94 -5.94 -13.88 6.14
N ALA B 95 -5.73 -14.98 6.86
CA ALA B 95 -5.82 -15.01 8.32
C ALA B 95 -4.62 -14.40 9.06
N ASN B 96 -3.45 -14.48 8.42
CA ASN B 96 -2.16 -14.08 8.96
C ASN B 96 -1.50 -13.16 7.93
N GLU B 97 -1.71 -11.89 8.12
CA GLU B 97 -1.26 -10.92 7.14
C GLU B 97 0.27 -10.96 6.96
N LYS B 98 0.98 -10.99 8.07
CA LYS B 98 2.45 -11.08 8.02
C LYS B 98 2.88 -12.55 8.10
N VAL B 99 3.45 -13.06 7.01
CA VAL B 99 3.74 -14.49 6.87
C VAL B 99 5.02 -14.66 6.03
N GLN B 100 5.68 -15.79 6.20
CA GLN B 100 6.79 -16.17 5.36
C GLN B 100 6.44 -17.54 4.73
N VAL B 101 6.70 -17.66 3.44
CA VAL B 101 6.48 -18.91 2.72
C VAL B 101 7.83 -19.48 2.34
N VAL B 102 8.03 -20.75 2.60
CA VAL B 102 9.26 -21.43 2.20
C VAL B 102 8.82 -22.55 1.26
N ASN B 103 9.24 -22.43 0.00
CA ASN B 103 8.91 -23.40 -1.02
C ASN B 103 10.10 -24.31 -1.30
N LEU B 104 10.01 -25.52 -0.74
CA LEU B 104 11.05 -26.53 -0.78
C LEU B 104 10.99 -27.31 -2.08
N GLY B 105 12.08 -27.29 -2.85
CA GLY B 105 12.06 -27.91 -4.15
C GLY B 105 11.15 -27.18 -5.12
N CYS B 106 11.31 -25.86 -5.19
CA CYS B 106 10.38 -25.00 -5.91
C CYS B 106 10.36 -25.18 -7.40
N GLY B 107 11.44 -25.69 -7.96
CA GLY B 107 11.57 -25.75 -9.40
C GLY B 107 11.17 -24.42 -10.06
N SER B 108 10.37 -24.53 -11.11
CA SER B 108 9.94 -23.40 -11.93
C SER B 108 8.64 -22.75 -11.43
N ASP B 109 8.26 -23.03 -10.18
CA ASP B 109 6.97 -22.56 -9.67
C ASP B 109 6.94 -21.05 -9.73
N LEU B 110 5.85 -20.49 -10.26
CA LEU B 110 5.70 -19.03 -10.32
C LEU B 110 4.58 -18.49 -9.42
N ARG B 111 4.05 -19.31 -8.51
CA ARG B 111 2.98 -18.81 -7.66
C ARG B 111 3.36 -17.62 -6.79
N MET B 112 4.67 -17.41 -6.51
CA MET B 112 5.10 -16.23 -5.79
C MET B 112 4.76 -14.91 -6.49
N LEU B 113 4.72 -14.91 -7.82
CA LEU B 113 4.48 -13.66 -8.57
C LEU B 113 3.12 -13.00 -8.22
N PRO B 114 2.00 -13.71 -8.34
CA PRO B 114 0.73 -13.14 -7.87
C PRO B 114 0.70 -12.97 -6.33
N LEU B 115 1.25 -13.92 -5.57
CA LEU B 115 1.13 -13.84 -4.10
C LEU B 115 1.78 -12.61 -3.48
N LEU B 116 2.99 -12.32 -3.95
CA LEU B 116 3.77 -11.22 -3.43
C LEU B 116 3.03 -9.93 -3.73
N GLN B 117 2.37 -9.87 -4.87
CA GLN B 117 1.55 -8.72 -5.21
C GLN B 117 0.28 -8.65 -4.35
N MET B 118 -0.36 -9.79 -4.12
CA MET B 118 -1.64 -9.86 -3.42
C MET B 118 -1.53 -9.58 -1.94
N PHE B 119 -0.37 -9.88 -1.35
CA PHE B 119 -0.17 -9.84 0.09
C PHE B 119 1.06 -9.02 0.43
N PRO B 120 0.89 -7.73 0.69
CA PRO B 120 2.03 -6.81 0.90
C PRO B 120 3.04 -7.17 2.01
N HIS B 121 2.64 -8.01 2.97
CA HIS B 121 3.49 -8.39 4.08
C HIS B 121 3.89 -9.84 4.05
N LEU B 122 3.74 -10.45 2.89
CA LEU B 122 4.26 -11.80 2.64
C LEU B 122 5.74 -11.74 2.19
N ALA B 123 6.57 -12.57 2.80
CA ALA B 123 7.93 -12.80 2.39
C ALA B 123 7.97 -14.24 1.89
N TYR B 124 8.66 -14.49 0.79
CA TYR B 124 8.63 -15.78 0.11
C TYR B 124 10.06 -16.22 -0.17
N VAL B 125 10.39 -17.48 0.12
CA VAL B 125 11.70 -18.04 -0.15
C VAL B 125 11.57 -19.27 -1.04
N ASP B 126 12.23 -19.25 -2.18
CA ASP B 126 12.30 -20.35 -3.14
C ASP B 126 13.63 -21.05 -2.91
N ILE B 127 13.57 -22.36 -2.72
CA ILE B 127 14.79 -23.16 -2.51
C ILE B 127 14.78 -24.36 -3.44
N ASP B 128 15.91 -24.60 -4.11
CA ASP B 128 16.11 -25.80 -4.93
C ASP B 128 17.63 -26.01 -5.10
N TYR B 129 18.01 -27.08 -5.80
CA TYR B 129 19.39 -27.35 -6.04
C TYR B 129 20.02 -26.16 -6.77
N ASN B 130 21.33 -25.97 -6.57
CA ASN B 130 22.07 -24.91 -7.29
C ASN B 130 21.77 -24.82 -8.78
N GLU B 131 21.83 -25.94 -9.48
CA GLU B 131 21.72 -25.91 -10.94
C GLU B 131 20.32 -25.45 -11.34
N SER B 132 19.33 -25.89 -10.56
CA SER B 132 17.94 -25.49 -10.78
C SER B 132 17.69 -24.02 -10.50
N VAL B 133 18.12 -23.54 -9.35
CA VAL B 133 17.94 -22.11 -9.08
C VAL B 133 18.76 -21.17 -9.98
N GLU B 134 19.94 -21.59 -10.43
CA GLU B 134 20.71 -20.78 -11.36
C GLU B 134 19.89 -20.54 -12.63
N LEU B 135 19.23 -21.57 -13.12
CA LEU B 135 18.43 -21.41 -14.33
C LEU B 135 17.20 -20.52 -14.09
N LYS B 136 16.53 -20.68 -12.96
CA LYS B 136 15.37 -19.83 -12.66
C LYS B 136 15.80 -18.36 -12.54
N ASN B 137 16.89 -18.10 -11.81
CA ASN B 137 17.47 -16.80 -11.72
C ASN B 137 17.73 -16.20 -13.09
N SER B 138 18.32 -16.98 -14.00
CA SER B 138 18.63 -16.48 -15.32
C SER B 138 17.35 -16.07 -16.03
N ILE B 139 16.32 -16.90 -15.91
CA ILE B 139 15.07 -16.65 -16.63
C ILE B 139 14.37 -15.43 -16.03
N LEU B 140 14.26 -15.37 -14.71
CA LEU B 140 13.57 -14.27 -14.06
C LEU B 140 14.23 -12.92 -14.37
N ARG B 141 15.55 -12.92 -14.49
CA ARG B 141 16.26 -11.67 -14.70
C ARG B 141 16.33 -11.26 -16.17
N GLU B 142 16.22 -12.23 -17.09
CA GLU B 142 16.30 -11.94 -18.52
C GLU B 142 14.97 -11.43 -19.09
N SER B 143 13.86 -11.94 -18.58
CA SER B 143 12.54 -11.55 -19.04
C SER B 143 12.14 -10.19 -18.47
N GLU B 144 11.84 -9.20 -19.32
CA GLU B 144 11.41 -7.89 -18.81
C GLU B 144 10.19 -7.99 -17.88
N ILE B 145 9.19 -8.75 -18.30
CA ILE B 145 7.92 -8.82 -17.57
C ILE B 145 8.14 -9.51 -16.21
N LEU B 146 9.02 -10.51 -16.18
CA LEU B 146 9.30 -11.19 -14.93
C LEU B 146 10.13 -10.31 -13.99
N ARG B 147 11.13 -9.64 -14.53
CA ARG B 147 11.93 -8.67 -13.78
C ARG B 147 11.02 -7.67 -13.10
N ILE B 148 10.09 -7.11 -13.87
CA ILE B 148 9.19 -6.09 -13.36
C ILE B 148 8.33 -6.68 -12.23
N SER B 149 7.91 -7.94 -12.39
CA SER B 149 7.05 -8.63 -11.42
C SER B 149 7.70 -8.80 -10.05
N LEU B 150 9.03 -8.74 -10.00
CA LEU B 150 9.75 -8.90 -8.74
C LEU B 150 10.54 -7.65 -8.31
N GLY B 151 10.48 -6.59 -9.12
CA GLY B 151 11.30 -5.40 -8.88
C GLY B 151 12.80 -5.62 -9.03
N LEU B 152 13.18 -6.46 -9.99
CA LEU B 152 14.54 -6.93 -10.15
C LEU B 152 15.36 -6.13 -11.13
N SER B 153 16.68 -6.24 -10.94
CA SER B 153 17.67 -5.71 -11.85
C SER B 153 18.10 -6.79 -12.85
N LYS B 154 18.43 -6.40 -14.08
CA LYS B 154 18.86 -7.35 -15.12
C LYS B 154 20.15 -8.12 -14.77
N GLU B 155 21.00 -7.52 -13.94
CA GLU B 155 22.26 -8.15 -13.53
C GLU B 155 22.10 -8.90 -12.20
N ASP B 156 22.97 -9.89 -11.97
CA ASP B 156 22.95 -10.73 -10.77
C ASP B 156 23.64 -9.96 -9.64
N THR B 157 22.87 -9.18 -8.88
CA THR B 157 23.46 -8.24 -7.93
C THR B 157 23.34 -8.72 -6.47
N ALA B 158 22.96 -9.98 -6.30
CA ALA B 158 22.88 -10.60 -4.98
C ALA B 158 24.17 -11.38 -4.73
N LYS B 159 24.57 -11.49 -3.46
CA LYS B 159 25.82 -12.15 -3.10
C LYS B 159 25.49 -13.54 -2.54
N SER B 160 26.45 -14.28 -2.00
CA SER B 160 26.13 -15.54 -1.36
C SER B 160 25.36 -15.22 -0.08
N PRO B 161 24.40 -16.05 0.35
CA PRO B 161 24.00 -17.30 -0.31
C PRO B 161 22.76 -17.17 -1.22
N PHE B 162 22.44 -15.98 -1.71
CA PHE B 162 21.24 -15.79 -2.52
C PHE B 162 21.58 -15.53 -3.98
N LEU B 163 20.70 -15.99 -4.87
CA LEU B 163 20.72 -15.57 -6.26
C LEU B 163 19.81 -14.35 -6.49
N ILE B 164 18.69 -14.30 -5.77
CA ILE B 164 17.84 -13.14 -5.71
C ILE B 164 17.57 -12.83 -4.23
N ASP B 165 17.68 -11.55 -3.87
CA ASP B 165 17.37 -11.08 -2.53
C ASP B 165 16.83 -9.67 -2.66
N GLN B 166 15.56 -9.61 -3.05
CA GLN B 166 14.95 -8.39 -3.54
C GLN B 166 13.66 -8.20 -2.83
N GLY B 167 13.67 -7.27 -1.87
CA GLY B 167 12.58 -7.01 -0.95
C GLY B 167 12.08 -8.25 -0.22
N ARG B 168 10.97 -8.80 -0.71
CA ARG B 168 10.26 -9.86 -0.02
C ARG B 168 10.38 -11.20 -0.72
N TYR B 169 11.29 -11.32 -1.69
CA TYR B 169 11.49 -12.58 -2.38
C TYR B 169 12.96 -12.96 -2.36
N LYS B 170 13.24 -14.19 -1.98
CA LYS B 170 14.60 -14.72 -1.99
C LYS B 170 14.63 -16.02 -2.80
N LEU B 171 15.66 -16.19 -3.62
CA LEU B 171 15.92 -17.44 -4.37
C LEU B 171 17.29 -17.90 -3.93
N ALA B 172 17.36 -19.10 -3.38
CA ALA B 172 18.57 -19.65 -2.79
C ALA B 172 18.78 -21.13 -3.15
N ALA B 173 20.05 -21.48 -3.35
CA ALA B 173 20.47 -22.84 -3.60
C ALA B 173 20.66 -23.61 -2.31
N CYS B 174 20.19 -24.86 -2.31
CA CYS B 174 20.35 -25.73 -1.18
C CYS B 174 20.10 -27.18 -1.57
N ASP B 175 20.87 -28.08 -0.99
CA ASP B 175 20.57 -29.51 -1.05
C ASP B 175 19.79 -29.85 0.22
N LEU B 176 18.50 -30.09 0.04
CA LEU B 176 17.59 -30.36 1.16
C LEU B 176 17.81 -31.72 1.82
N ASN B 177 18.68 -32.56 1.24
CA ASN B 177 19.14 -33.80 1.87
C ASN B 177 20.22 -33.53 2.90
N ASP B 178 20.72 -32.29 2.96
CA ASP B 178 21.77 -31.87 3.89
C ASP B 178 21.14 -30.94 4.93
N ILE B 179 20.78 -31.48 6.09
CA ILE B 179 20.09 -30.66 7.07
C ILE B 179 20.93 -29.49 7.56
N THR B 180 22.25 -29.66 7.61
CA THR B 180 23.11 -28.60 8.08
C THR B 180 23.07 -27.41 7.13
N GLU B 181 23.23 -27.67 5.83
CA GLU B 181 23.06 -26.63 4.81
C GLU B 181 21.69 -25.98 4.95
N THR B 182 20.67 -26.80 5.12
CA THR B 182 19.31 -26.33 5.15
C THR B 182 19.08 -25.39 6.32
N THR B 183 19.53 -25.77 7.52
CA THR B 183 19.24 -24.93 8.67
C THR B 183 20.06 -23.63 8.58
N ARG B 184 21.28 -23.69 8.03
CA ARG B 184 22.10 -22.48 7.89
C ARG B 184 21.46 -21.51 6.91
N LEU B 185 20.82 -22.01 5.87
CA LEU B 185 20.12 -21.15 4.93
C LEU B 185 18.89 -20.54 5.60
N LEU B 186 18.10 -21.37 6.26
CA LEU B 186 16.85 -20.91 6.89
C LEU B 186 17.16 -19.87 7.93
N ASP B 187 18.29 -20.00 8.62
CA ASP B 187 18.66 -19.03 9.66
C ASP B 187 18.90 -17.63 9.08
N VAL B 188 19.19 -17.51 7.79
CA VAL B 188 19.44 -16.18 7.20
C VAL B 188 18.32 -15.66 6.32
N CYS B 189 17.24 -16.42 6.16
CA CYS B 189 16.15 -15.94 5.34
C CYS B 189 14.75 -16.05 5.95
N THR B 190 14.68 -16.49 7.21
CA THR B 190 13.42 -16.60 7.94
C THR B 190 13.63 -16.24 9.39
N LYS B 191 12.53 -15.98 10.07
CA LYS B 191 12.52 -15.82 11.53
C LYS B 191 11.60 -16.80 12.22
N ARG B 192 12.02 -17.21 13.41
CA ARG B 192 11.32 -18.22 14.19
C ARG B 192 9.86 -17.88 14.44
N GLU B 193 9.56 -16.63 14.79
CA GLU B 193 8.24 -16.30 15.32
C GLU B 193 7.23 -15.86 14.25
C GLU B 193 7.23 -15.85 14.25
N ILE B 194 7.68 -15.72 13.01
CA ILE B 194 6.78 -15.28 11.92
C ILE B 194 5.95 -16.49 11.47
N PRO B 195 4.63 -16.36 11.39
CA PRO B 195 3.81 -17.44 10.85
C PRO B 195 4.35 -17.89 9.50
N THR B 196 4.46 -19.20 9.33
CA THR B 196 5.25 -19.78 8.23
C THR B 196 4.42 -20.77 7.47
N ILE B 197 4.36 -20.66 6.15
CA ILE B 197 3.86 -21.76 5.29
C ILE B 197 5.06 -22.44 4.68
N VAL B 198 5.14 -23.76 4.79
CA VAL B 198 6.12 -24.57 4.10
C VAL B 198 5.38 -25.33 3.02
N ILE B 199 5.89 -25.28 1.80
CA ILE B 199 5.34 -25.99 0.66
C ILE B 199 6.33 -27.06 0.20
N SER B 200 5.85 -28.28 0.07
CA SER B 200 6.62 -29.32 -0.60
C SER B 200 5.72 -30.00 -1.62
N GLU B 201 5.78 -29.51 -2.85
CA GLU B 201 4.96 -30.01 -3.94
C GLU B 201 5.83 -30.90 -4.83
N CYS B 202 5.63 -32.21 -4.72
CA CYS B 202 6.41 -33.21 -5.45
C CYS B 202 7.92 -33.08 -5.19
N LEU B 203 8.27 -32.89 -3.93
CA LEU B 203 9.66 -32.83 -3.47
C LEU B 203 9.98 -34.11 -2.68
N LEU B 204 9.20 -34.38 -1.65
CA LEU B 204 9.53 -35.44 -0.72
C LEU B 204 9.49 -36.83 -1.33
N CYS B 205 8.69 -37.04 -2.37
CA CYS B 205 8.63 -38.34 -3.06
C CYS B 205 9.97 -38.79 -3.66
N TYR B 206 10.90 -37.85 -3.87
CA TYR B 206 12.21 -38.18 -4.41
C TYR B 206 13.28 -38.37 -3.36
N MET B 207 12.94 -38.24 -2.08
CA MET B 207 13.88 -38.39 -0.97
C MET B 207 13.72 -39.71 -0.22
N HIS B 208 14.84 -40.21 0.28
CA HIS B 208 14.82 -41.32 1.22
C HIS B 208 14.14 -40.86 2.51
N ASN B 209 13.51 -41.81 3.18
CA ASN B 209 12.76 -41.55 4.40
C ASN B 209 13.52 -40.79 5.49
N ASN B 210 14.80 -41.14 5.69
CA ASN B 210 15.59 -40.49 6.70
C ASN B 210 15.71 -38.99 6.40
N GLU B 211 15.94 -38.68 5.13
CA GLU B 211 16.17 -37.31 4.74
C GLU B 211 14.89 -36.48 4.83
N SER B 212 13.78 -37.05 4.38
CA SER B 212 12.50 -36.36 4.44
C SER B 212 12.05 -36.21 5.88
N GLN B 213 12.22 -37.23 6.71
CA GLN B 213 11.76 -37.10 8.07
C GLN B 213 12.54 -36.07 8.88
N LEU B 214 13.84 -36.01 8.68
CA LEU B 214 14.66 -35.07 9.39
C LEU B 214 14.33 -33.66 8.92
N LEU B 215 14.05 -33.51 7.64
CA LEU B 215 13.62 -32.22 7.11
C LEU B 215 12.28 -31.76 7.73
N ILE B 216 11.30 -32.67 7.79
CA ILE B 216 10.00 -32.39 8.42
C ILE B 216 10.18 -32.01 9.89
N ASN B 217 10.84 -32.88 10.64
CA ASN B 217 11.04 -32.63 12.07
C ASN B 217 11.80 -31.34 12.38
N THR B 218 12.85 -31.08 11.63
CA THR B 218 13.72 -29.94 11.88
C THR B 218 12.95 -28.65 11.59
N ILE B 219 12.31 -28.58 10.44
CA ILE B 219 11.57 -27.38 10.05
C ILE B 219 10.35 -27.12 10.94
N MET B 220 9.63 -28.16 11.32
CA MET B 220 8.53 -27.98 12.28
C MET B 220 9.04 -27.46 13.63
N SER B 221 10.22 -27.93 14.04
CA SER B 221 10.82 -27.50 15.31
C SER B 221 11.29 -26.04 15.30
N LYS B 222 11.65 -25.56 14.11
CA LYS B 222 12.24 -24.26 13.92
C LYS B 222 11.28 -23.07 13.95
N PHE B 223 10.02 -23.30 13.65
CA PHE B 223 9.07 -22.18 13.59
C PHE B 223 7.99 -22.38 14.59
N SER B 224 7.67 -21.31 15.31
CA SER B 224 6.62 -21.35 16.33
C SER B 224 5.21 -21.62 15.81
N HIS B 225 4.87 -21.09 14.64
CA HIS B 225 3.51 -21.10 14.13
C HIS B 225 3.54 -21.43 12.65
N GLY B 226 3.07 -22.62 12.29
CA GLY B 226 3.24 -23.10 10.95
C GLY B 226 2.08 -23.84 10.32
N LEU B 227 2.13 -23.85 8.98
CA LEU B 227 1.31 -24.65 8.12
C LEU B 227 2.21 -25.29 7.08
N TRP B 228 2.16 -26.60 6.98
CA TRP B 228 2.93 -27.34 5.97
C TRP B 228 1.94 -27.92 5.00
N ILE B 229 2.08 -27.56 3.74
CA ILE B 229 1.28 -28.09 2.65
C ILE B 229 2.14 -28.99 1.81
N SER B 230 1.83 -30.27 1.80
CA SER B 230 2.59 -31.23 1.02
C SER B 230 1.67 -31.91 0.03
N TYR B 231 2.18 -32.05 -1.19
CA TYR B 231 1.51 -32.76 -2.27
C TYR B 231 2.50 -33.80 -2.82
N ASP B 232 2.00 -35.00 -3.14
CA ASP B 232 2.84 -36.14 -3.53
C ASP B 232 1.94 -37.26 -4.03
N PRO B 233 2.54 -38.23 -4.72
CA PRO B 233 1.83 -39.44 -5.06
C PRO B 233 1.88 -40.42 -3.88
N ILE B 234 0.99 -41.38 -3.92
CA ILE B 234 1.01 -42.56 -3.03
C ILE B 234 0.84 -43.83 -3.86
N GLY B 235 1.42 -44.92 -3.37
CA GLY B 235 1.46 -46.16 -4.14
C GLY B 235 0.10 -46.83 -4.28
N GLY B 236 -0.79 -46.59 -3.31
CA GLY B 236 -2.10 -47.23 -3.29
C GLY B 236 -2.14 -48.41 -2.34
N SER B 237 -3.21 -48.54 -1.60
CA SER B 237 -3.35 -49.60 -0.59
C SER B 237 -4.30 -50.72 -1.01
N GLN B 238 -5.39 -50.38 -1.70
CA GLN B 238 -6.35 -51.41 -2.16
C GLN B 238 -5.55 -52.53 -2.81
N PRO B 239 -5.94 -53.79 -2.62
CA PRO B 239 -5.11 -54.90 -3.09
C PRO B 239 -5.36 -55.04 -4.58
N ASN B 240 -4.44 -55.68 -5.28
CA ASN B 240 -4.47 -55.71 -6.75
C ASN B 240 -4.40 -54.31 -7.36
N ASP B 241 -3.80 -53.38 -6.61
CA ASP B 241 -3.50 -52.05 -7.11
C ASP B 241 -2.02 -52.01 -7.47
N ARG B 242 -1.74 -51.97 -8.77
CA ARG B 242 -0.37 -52.00 -9.28
C ARG B 242 0.12 -50.58 -9.60
N PHE B 243 -0.54 -49.55 -9.08
CA PHE B 243 -0.19 -48.18 -9.43
C PHE B 243 1.24 -47.88 -9.06
N GLY B 244 1.59 -48.20 -7.83
CA GLY B 244 2.89 -47.90 -7.28
C GLY B 244 4.00 -48.69 -7.93
N ALA B 245 3.76 -49.98 -8.19
CA ALA B 245 4.79 -50.84 -8.79
C ALA B 245 5.02 -50.42 -10.23
N ILE B 246 3.94 -50.08 -10.93
CA ILE B 246 4.06 -49.59 -12.30
C ILE B 246 4.88 -48.29 -12.33
N MET B 247 4.56 -47.38 -11.41
CA MET B 247 5.22 -46.08 -11.37
C MET B 247 6.70 -46.25 -11.03
N GLN B 248 7.00 -47.08 -10.05
CA GLN B 248 8.39 -47.34 -9.67
C GLN B 248 9.18 -48.07 -10.76
N SER B 249 8.56 -49.07 -11.38
CA SER B 249 9.17 -49.80 -12.49
C SER B 249 9.36 -48.89 -13.72
N ASN B 250 8.39 -48.04 -13.99
CA ASN B 250 8.44 -47.15 -15.15
C ASN B 250 9.52 -46.07 -15.00
N LEU B 251 9.57 -45.44 -13.82
CA LEU B 251 10.57 -44.40 -13.56
C LEU B 251 11.99 -44.94 -13.58
N LYS B 252 12.18 -46.18 -13.11
CA LYS B 252 13.50 -46.79 -13.07
C LYS B 252 14.02 -47.11 -14.49
N GLU B 253 13.17 -47.71 -15.31
CA GLU B 253 13.55 -48.18 -16.64
C GLU B 253 13.68 -47.02 -17.63
N SER B 254 12.83 -46.02 -17.48
CA SER B 254 12.74 -44.93 -18.47
C SER B 254 13.68 -43.76 -18.16
N ARG B 255 13.91 -43.49 -16.87
CA ARG B 255 14.70 -42.32 -16.44
C ARG B 255 15.77 -42.55 -15.35
N ASN B 256 15.85 -43.77 -14.81
CA ASN B 256 16.80 -44.08 -13.73
C ASN B 256 16.49 -43.21 -12.50
N LEU B 257 15.20 -43.12 -12.20
CA LEU B 257 14.66 -42.24 -11.18
C LEU B 257 13.89 -43.06 -10.14
N GLU B 258 14.01 -42.64 -8.88
CA GLU B 258 13.47 -43.39 -7.75
C GLU B 258 12.52 -42.51 -6.93
N MET B 259 11.42 -43.13 -6.51
CA MET B 259 10.57 -42.58 -5.47
C MET B 259 10.63 -43.58 -4.31
N PRO B 260 11.62 -43.40 -3.43
CA PRO B 260 11.95 -44.43 -2.44
C PRO B 260 10.84 -44.83 -1.48
N THR B 261 9.94 -43.92 -1.13
CA THR B 261 8.93 -44.17 -0.09
C THR B 261 7.50 -44.31 -0.60
N LEU B 262 7.32 -44.40 -1.91
CA LEU B 262 5.99 -44.47 -2.51
C LEU B 262 5.16 -45.67 -2.04
N MET B 263 5.82 -46.81 -1.86
CA MET B 263 5.14 -48.00 -1.35
C MET B 263 5.07 -48.03 0.18
N THR B 264 6.03 -47.39 0.85
CA THR B 264 5.97 -47.19 2.30
C THR B 264 4.76 -46.35 2.73
N TYR B 265 4.59 -45.21 2.06
CA TYR B 265 3.47 -44.30 2.31
C TYR B 265 2.47 -44.47 1.19
N ASN B 266 1.77 -45.61 1.24
CA ASN B 266 0.89 -46.05 0.16
C ASN B 266 -0.58 -45.67 0.37
N SER B 267 -0.88 -45.06 1.50
CA SER B 267 -2.21 -44.54 1.74
C SER B 267 -2.07 -43.13 2.28
N LYS B 268 -3.15 -42.38 2.22
CA LYS B 268 -3.12 -41.02 2.70
C LYS B 268 -2.88 -40.96 4.20
N GLU B 269 -3.37 -41.95 4.95
CA GLU B 269 -3.18 -41.95 6.40
C GLU B 269 -1.73 -42.19 6.83
N LYS B 270 -1.05 -43.16 6.21
CA LYS B 270 0.37 -43.40 6.47
C LYS B 270 1.20 -42.18 6.07
N TYR B 271 0.91 -41.64 4.89
CA TYR B 271 1.59 -40.39 4.46
C TYR B 271 1.46 -39.29 5.52
N ALA B 272 0.25 -39.05 6.02
CA ALA B 272 0.02 -37.99 7.01
C ALA B 272 0.73 -38.23 8.31
N SER B 273 0.94 -39.50 8.66
CA SER B 273 1.60 -39.87 9.90
C SER B 273 3.02 -39.28 10.04
N ARG B 274 3.66 -38.94 8.93
CA ARG B 274 4.98 -38.29 8.97
C ARG B 274 4.99 -36.96 9.71
N TRP B 275 3.83 -36.31 9.80
CA TRP B 275 3.63 -35.06 10.52
C TRP B 275 2.87 -35.24 11.85
N SER B 276 2.91 -36.44 12.43
CA SER B 276 2.16 -36.72 13.65
C SER B 276 2.57 -35.86 14.85
N ALA B 277 3.74 -35.20 14.78
CA ALA B 277 4.14 -34.28 15.85
C ALA B 277 3.28 -33.03 15.84
N ALA B 278 2.68 -32.67 14.69
CA ALA B 278 1.75 -31.55 14.64
C ALA B 278 0.39 -32.00 15.19
N PRO B 279 -0.26 -31.15 15.97
CA PRO B 279 -1.58 -31.48 16.54
C PRO B 279 -2.74 -31.45 15.54
N ASN B 280 -2.58 -30.78 14.39
CA ASN B 280 -3.68 -30.55 13.46
C ASN B 280 -3.22 -31.02 12.10
N VAL B 281 -3.58 -32.25 11.74
CA VAL B 281 -3.19 -32.81 10.45
C VAL B 281 -4.41 -33.24 9.66
N ILE B 282 -4.55 -32.69 8.47
CA ILE B 282 -5.62 -33.05 7.54
C ILE B 282 -4.97 -33.62 6.27
N VAL B 283 -5.55 -34.68 5.74
CA VAL B 283 -5.08 -35.25 4.48
C VAL B 283 -6.28 -35.72 3.64
N ASN B 284 -6.20 -35.43 2.35
CA ASN B 284 -7.22 -35.88 1.41
C ASN B 284 -6.54 -36.33 0.15
N ASP B 285 -7.12 -37.29 -0.55
CA ASP B 285 -6.67 -37.53 -1.92
C ASP B 285 -7.28 -36.49 -2.84
N MET B 286 -6.77 -36.38 -4.06
CA MET B 286 -7.18 -35.29 -4.94
C MET B 286 -8.57 -35.50 -5.55
N TRP B 287 -9.07 -36.73 -5.55
CA TRP B 287 -10.47 -36.97 -5.94
C TRP B 287 -11.38 -36.37 -4.89
N GLU B 288 -11.04 -36.55 -3.62
CA GLU B 288 -11.78 -35.94 -2.52
C GLU B 288 -11.76 -34.42 -2.66
N ILE B 289 -10.60 -33.86 -3.00
CA ILE B 289 -10.53 -32.40 -3.21
C ILE B 289 -11.38 -31.94 -4.41
N PHE B 290 -11.40 -32.71 -5.50
CA PHE B 290 -12.25 -32.40 -6.65
C PHE B 290 -13.71 -32.27 -6.18
N ASN B 291 -14.16 -33.24 -5.38
CA ASN B 291 -15.54 -33.21 -4.91
C ASN B 291 -15.88 -32.19 -3.83
N ALA B 292 -14.92 -31.81 -3.01
CA ALA B 292 -15.20 -30.92 -1.88
C ALA B 292 -14.98 -29.46 -2.26
N GLN B 293 -14.04 -29.21 -3.15
CA GLN B 293 -13.53 -27.85 -3.38
C GLN B 293 -13.83 -27.30 -4.76
N ILE B 294 -14.14 -28.14 -5.73
CA ILE B 294 -14.38 -27.62 -7.08
C ILE B 294 -15.89 -27.45 -7.31
N PRO B 295 -16.39 -26.22 -7.28
CA PRO B 295 -17.84 -25.99 -7.41
C PRO B 295 -18.33 -26.22 -8.84
N GLU B 296 -19.64 -26.29 -9.02
CA GLU B 296 -20.21 -26.61 -10.31
C GLU B 296 -19.85 -25.55 -11.34
N SER B 297 -19.71 -24.30 -10.92
CA SER B 297 -19.27 -23.23 -11.82
C SER B 297 -17.92 -23.52 -12.47
N GLU B 298 -16.98 -24.05 -11.68
CA GLU B 298 -15.70 -24.45 -12.21
C GLU B 298 -15.79 -25.68 -13.10
N ARG B 299 -16.56 -26.68 -12.69
CA ARG B 299 -16.70 -27.88 -13.50
C ARG B 299 -17.22 -27.53 -14.89
N LYS B 300 -18.17 -26.61 -14.94
CA LYS B 300 -18.78 -26.15 -16.18
C LYS B 300 -17.76 -25.39 -17.02
N ARG B 301 -17.03 -24.48 -16.38
CA ARG B 301 -16.00 -23.72 -17.07
C ARG B 301 -14.99 -24.66 -17.71
N LEU B 302 -14.49 -25.63 -16.95
CA LEU B 302 -13.52 -26.58 -17.50
C LEU B 302 -14.12 -27.42 -18.63
N ARG B 303 -15.36 -27.85 -18.49
CA ARG B 303 -16.03 -28.58 -19.57
C ARG B 303 -16.10 -27.78 -20.87
N SER B 304 -16.25 -26.47 -20.73
CA SER B 304 -16.30 -25.57 -21.87
C SER B 304 -14.97 -25.41 -22.56
N LEU B 305 -13.88 -25.72 -21.86
CA LEU B 305 -12.54 -25.53 -22.42
C LEU B 305 -11.99 -26.80 -23.09
N GLN B 306 -12.24 -27.94 -22.47
CA GLN B 306 -11.73 -29.19 -22.97
C GLN B 306 -12.43 -30.30 -22.25
N PHE B 307 -13.28 -31.00 -22.98
CA PHE B 307 -14.16 -31.99 -22.40
C PHE B 307 -13.36 -33.19 -21.90
N LEU B 308 -13.64 -33.58 -20.68
CA LEU B 308 -13.05 -34.72 -20.05
C LEU B 308 -13.92 -35.93 -20.37
N ASP B 309 -13.46 -36.76 -21.28
CA ASP B 309 -14.20 -37.93 -21.74
C ASP B 309 -14.15 -39.09 -20.76
N GLU B 310 -13.12 -39.13 -19.91
CA GLU B 310 -12.82 -40.31 -19.09
C GLU B 310 -12.65 -39.96 -17.61
N LEU B 311 -13.79 -39.72 -16.98
CA LEU B 311 -13.84 -39.27 -15.61
C LEU B 311 -13.32 -40.32 -14.65
N GLU B 312 -13.69 -41.57 -14.89
CA GLU B 312 -13.15 -42.64 -14.07
C GLU B 312 -11.63 -42.71 -14.15
N GLU B 313 -11.06 -42.47 -15.32
CA GLU B 313 -9.61 -42.49 -15.44
C GLU B 313 -9.01 -41.41 -14.58
N LEU B 314 -9.66 -40.25 -14.57
CA LEU B 314 -9.19 -39.16 -13.70
C LEU B 314 -9.28 -39.57 -12.25
N LYS B 315 -10.42 -40.13 -11.82
CA LYS B 315 -10.55 -40.54 -10.44
C LYS B 315 -9.44 -41.52 -10.05
N VAL B 316 -9.23 -42.57 -10.84
CA VAL B 316 -8.22 -43.56 -10.48
C VAL B 316 -6.81 -42.96 -10.40
N MET B 317 -6.49 -42.00 -11.25
CA MET B 317 -5.22 -41.28 -11.06
C MET B 317 -5.19 -40.45 -9.76
N GLN B 318 -6.22 -39.66 -9.54
CA GLN B 318 -6.24 -38.68 -8.44
C GLN B 318 -6.40 -39.30 -7.07
N THR B 319 -6.87 -40.54 -6.98
CA THR B 319 -6.83 -41.24 -5.68
C THR B 319 -5.40 -41.64 -5.30
N HIS B 320 -4.44 -41.50 -6.21
CA HIS B 320 -3.03 -41.76 -5.93
C HIS B 320 -2.18 -40.51 -5.72
N TYR B 321 -2.84 -39.35 -5.58
CA TYR B 321 -2.17 -38.09 -5.21
C TYR B 321 -2.87 -37.54 -4.01
N ILE B 322 -2.11 -36.99 -3.08
CA ILE B 322 -2.67 -36.49 -1.86
C ILE B 322 -2.23 -35.06 -1.58
N LEU B 323 -3.08 -34.36 -0.82
CA LEU B 323 -2.79 -33.04 -0.29
C LEU B 323 -2.90 -33.10 1.24
N MET B 324 -1.78 -32.85 1.88
CA MET B 324 -1.62 -32.92 3.32
C MET B 324 -1.40 -31.50 3.84
N LYS B 325 -2.18 -31.14 4.86
CA LYS B 325 -2.04 -29.88 5.57
C LYS B 325 -1.74 -30.14 7.06
N ALA B 326 -0.53 -29.84 7.54
CA ALA B 326 -0.19 -29.92 8.98
C ALA B 326 0.00 -28.53 9.60
N GLN B 327 -0.69 -28.28 10.69
CA GLN B 327 -0.58 -27.05 11.43
C GLN B 327 -0.17 -27.27 12.88
N TRP B 328 0.66 -26.35 13.35
CA TRP B 328 1.19 -26.36 14.71
C TRP B 328 1.38 -24.93 15.16
N HIS B 329 1.36 -24.75 16.48
CA HIS B 329 1.69 -23.49 17.11
C HIS B 329 2.27 -23.88 18.49
N HIS B 330 3.59 -23.84 18.61
CA HIS B 330 4.31 -24.35 19.79
C HIS B 330 3.99 -23.50 21.03
N GLU C 2 20.07 26.93 21.11
CA GLU C 2 18.70 27.41 21.49
C GLU C 2 17.62 26.38 21.14
N ARG C 3 16.83 26.00 22.14
CA ARG C 3 15.69 25.10 21.96
C ARG C 3 14.71 25.72 20.97
N ILE C 4 14.45 27.02 21.15
CA ILE C 4 13.45 27.76 20.39
C ILE C 4 13.82 27.84 18.90
N ILE C 5 15.09 28.10 18.62
CA ILE C 5 15.57 28.13 17.23
C ILE C 5 15.44 26.73 16.64
N GLN C 6 15.87 25.73 17.40
CA GLN C 6 15.77 24.33 16.97
C GLN C 6 14.35 23.99 16.54
N GLN C 7 13.37 24.52 17.27
CA GLN C 7 11.95 24.17 17.04
C GLN C 7 11.30 24.88 15.84
N THR C 8 12.01 25.81 15.20
CA THR C 8 11.52 26.38 13.94
C THR C 8 11.45 25.33 12.84
N ASP C 9 12.12 24.22 13.05
CA ASP C 9 12.10 23.14 12.07
C ASP C 9 10.76 22.42 12.07
N TYR C 10 10.03 22.50 13.19
CA TYR C 10 8.72 21.88 13.26
C TYR C 10 7.80 22.57 12.28
N ASP C 11 7.89 23.89 12.19
CA ASP C 11 7.08 24.61 11.22
C ASP C 11 7.51 24.24 9.79
N ALA C 12 8.82 24.10 9.57
CA ALA C 12 9.33 23.69 8.25
C ALA C 12 8.84 22.32 7.84
N LEU C 13 8.94 21.36 8.76
CA LEU C 13 8.41 20.01 8.51
C LEU C 13 6.89 20.04 8.33
N SER C 14 6.15 20.77 9.17
CA SER C 14 4.72 20.88 8.96
C SER C 14 4.38 21.36 7.56
N CYS C 15 5.13 22.35 7.07
CA CYS C 15 4.85 22.94 5.76
C CYS C 15 5.11 21.93 4.65
N LYS C 16 6.25 21.25 4.73
CA LYS C 16 6.61 20.19 3.79
C LYS C 16 5.54 19.14 3.74
N LEU C 17 5.15 18.65 4.91
CA LEU C 17 4.13 17.62 5.00
C LEU C 17 2.77 18.03 4.47
N ALA C 18 2.35 19.26 4.77
CA ALA C 18 1.12 19.81 4.21
C ALA C 18 1.14 19.89 2.67
N ALA C 19 2.26 20.33 2.12
CA ALA C 19 2.37 20.48 0.68
C ALA C 19 2.29 19.12 0.01
N ILE C 20 2.88 18.09 0.63
CA ILE C 20 2.82 16.72 0.08
C ILE C 20 1.42 16.15 0.20
N SER C 21 0.81 16.41 1.36
CA SER C 21 -0.49 15.84 1.64
C SER C 21 -1.52 16.38 0.65
N VAL C 22 -1.43 17.67 0.34
CA VAL C 22 -2.35 18.26 -0.59
C VAL C 22 -1.99 17.94 -2.02
N GLY C 23 -0.71 17.78 -2.31
CA GLY C 23 -0.27 17.33 -3.62
C GLY C 23 0.57 18.32 -4.40
N TYR C 24 0.94 19.45 -3.78
CA TYR C 24 1.86 20.43 -4.38
C TYR C 24 3.19 19.76 -4.71
N LEU C 25 3.63 18.92 -3.78
CA LEU C 25 4.85 18.16 -3.88
C LEU C 25 4.52 16.68 -3.73
N PRO C 26 5.28 15.82 -4.42
CA PRO C 26 6.38 16.24 -5.29
C PRO C 26 5.89 16.85 -6.60
N SER C 27 6.77 17.64 -7.20
CA SER C 27 6.63 18.07 -8.59
C SER C 27 7.52 17.19 -9.47
N SER C 28 6.99 16.15 -10.10
CA SER C 28 7.88 15.15 -10.68
C SER C 28 8.75 15.68 -11.86
N GLY C 29 8.25 16.65 -12.61
CA GLY C 29 8.99 17.28 -13.70
C GLY C 29 10.09 18.22 -13.21
N LEU C 30 9.73 19.11 -12.30
CA LEU C 30 10.68 20.12 -11.80
C LEU C 30 11.71 19.52 -10.88
N GLN C 31 11.35 18.46 -10.14
CA GLN C 31 12.29 17.75 -9.28
C GLN C 31 12.94 16.53 -10.01
N ARG C 32 12.54 16.28 -11.25
CA ARG C 32 13.09 15.20 -12.08
C ARG C 32 13.03 13.83 -11.40
N LEU C 33 11.82 13.51 -10.91
CA LEU C 33 11.55 12.29 -10.18
C LEU C 33 10.70 11.37 -11.04
N SER C 34 11.17 10.14 -11.24
CA SER C 34 10.42 9.12 -11.95
C SER C 34 9.13 8.83 -11.17
N VAL C 35 8.21 8.08 -11.77
CA VAL C 35 6.98 7.65 -11.12
C VAL C 35 7.29 6.99 -9.78
N ASP C 36 8.25 6.08 -9.83
CA ASP C 36 8.58 5.26 -8.70
C ASP C 36 9.28 6.12 -7.61
N LEU C 37 10.13 7.05 -8.01
CA LEU C 37 10.80 7.93 -7.04
C LEU C 37 9.84 8.98 -6.43
N SER C 38 8.83 9.36 -7.18
CA SER C 38 7.82 10.32 -6.74
C SER C 38 6.99 9.67 -5.64
N LYS C 39 6.73 8.38 -5.80
CA LYS C 39 6.01 7.58 -4.81
C LYS C 39 6.82 7.45 -3.52
N LYS C 40 8.14 7.27 -3.66
CA LYS C 40 9.02 7.13 -2.50
C LYS C 40 9.14 8.46 -1.78
N TYR C 41 9.22 9.55 -2.54
CA TYR C 41 9.29 10.87 -1.95
C TYR C 41 8.14 11.06 -0.97
N THR C 42 6.94 10.73 -1.40
CA THR C 42 5.80 10.80 -0.51
C THR C 42 5.90 9.81 0.67
N GLU C 43 6.26 8.57 0.40
CA GLU C 43 6.29 7.52 1.45
C GLU C 43 7.31 7.86 2.54
N TRP C 44 8.46 8.38 2.10
CA TRP C 44 9.54 8.69 3.02
C TRP C 44 9.11 9.79 4.00
N HIS C 45 8.44 10.80 3.47
CA HIS C 45 7.97 11.85 4.33
C HIS C 45 6.85 11.38 5.25
N ARG C 46 5.94 10.56 4.73
CA ARG C 46 4.83 10.13 5.59
C ARG C 46 5.41 9.25 6.73
N SER C 47 6.45 8.49 6.42
CA SER C 47 7.09 7.68 7.45
C SER C 47 7.85 8.53 8.44
N TYR C 48 8.45 9.63 7.97
CA TYR C 48 9.13 10.53 8.89
C TYR C 48 8.14 11.02 9.98
N LEU C 49 6.93 11.42 9.59
CA LEU C 49 5.93 11.92 10.51
C LEU C 49 5.49 10.86 11.53
N ILE C 50 5.18 9.67 11.03
CA ILE C 50 4.76 8.58 11.90
C ILE C 50 5.86 8.20 12.91
N THR C 51 7.10 8.24 12.45
CA THR C 51 8.24 7.88 13.28
C THR C 51 8.57 9.00 14.28
N LEU C 52 8.30 10.23 13.87
CA LEU C 52 8.43 11.35 14.78
C LEU C 52 7.49 11.13 15.97
N LYS C 53 6.26 10.72 15.68
CA LYS C 53 5.28 10.48 16.73
C LYS C 53 5.79 9.47 17.77
N LYS C 54 6.44 8.42 17.31
CA LYS C 54 7.01 7.42 18.22
C LYS C 54 8.00 8.06 19.17
N PHE C 55 8.84 8.93 18.64
CA PHE C 55 9.88 9.58 19.45
C PHE C 55 9.50 10.81 20.24
N SER C 56 8.39 11.47 19.91
CA SER C 56 8.01 12.67 20.64
C SER C 56 6.55 13.04 20.48
N ARG C 57 5.77 12.81 21.54
CA ARG C 57 4.39 13.33 21.60
C ARG C 57 4.34 14.84 21.33
N ARG C 58 5.18 15.60 22.03
CA ARG C 58 5.13 17.07 21.95
C ARG C 58 5.41 17.56 20.52
N ALA C 59 6.47 17.04 19.91
CA ALA C 59 6.89 17.48 18.57
C ALA C 59 5.85 17.10 17.54
N PHE C 60 5.37 15.87 17.59
CA PHE C 60 4.30 15.43 16.71
C PHE C 60 3.07 16.32 16.81
N GLY C 61 2.68 16.65 18.04
CA GLY C 61 1.51 17.46 18.25
C GLY C 61 1.65 18.82 17.60
N LYS C 62 2.82 19.43 17.74
CA LYS C 62 3.08 20.71 17.10
C LYS C 62 3.02 20.63 15.55
N VAL C 63 3.63 19.58 15.01
CA VAL C 63 3.68 19.36 13.56
C VAL C 63 2.32 19.02 13.01
N ASP C 64 1.63 18.11 13.68
CA ASP C 64 0.29 17.69 13.26
C ASP C 64 -0.70 18.86 13.24
N LYS C 65 -0.74 19.65 14.32
CA LYS C 65 -1.66 20.77 14.43
C LYS C 65 -1.44 21.80 13.30
N ALA C 66 -0.17 22.16 13.07
CA ALA C 66 0.16 23.20 12.08
C ALA C 66 -0.05 22.68 10.66
N MET C 67 0.12 21.38 10.49
CA MET C 67 -0.01 20.74 9.19
C MET C 67 -1.45 20.73 8.70
N ARG C 68 -2.37 20.45 9.61
CA ARG C 68 -3.77 20.34 9.20
C ARG C 68 -4.43 21.71 9.07
N SER C 69 -3.81 22.73 9.67
CA SER C 69 -4.30 24.11 9.66
C SER C 69 -3.65 24.99 8.55
N SER C 70 -2.78 24.38 7.76
CA SER C 70 -2.04 25.11 6.74
C SER C 70 -2.98 25.70 5.68
N PHE C 71 -2.72 26.94 5.24
CA PHE C 71 -3.52 27.61 4.22
C PHE C 71 -2.84 27.51 2.85
N PRO C 72 -3.61 27.59 1.77
CA PRO C 72 -3.08 27.57 0.40
C PRO C 72 -1.88 28.48 0.15
N VAL C 73 -1.91 29.68 0.69
CA VAL C 73 -0.80 30.65 0.47
C VAL C 73 0.52 30.08 1.01
N MET C 74 0.46 29.48 2.19
CA MET C 74 1.63 28.83 2.80
C MET C 74 2.13 27.66 1.92
N ASN C 75 1.19 26.90 1.35
CA ASN C 75 1.55 25.74 0.55
C ASN C 75 2.22 26.15 -0.77
N TYR C 76 1.70 27.19 -1.41
CA TYR C 76 2.39 27.81 -2.53
C TYR C 76 3.82 28.19 -2.15
N GLY C 77 3.99 28.80 -0.97
CA GLY C 77 5.31 29.20 -0.46
C GLY C 77 6.25 28.03 -0.36
N THR C 78 5.73 26.92 0.17
CA THR C 78 6.53 25.70 0.34
C THR C 78 6.94 25.11 -0.96
N TYR C 79 5.99 25.08 -1.89
CA TYR C 79 6.22 24.55 -3.22
C TYR C 79 7.36 25.33 -3.88
N LEU C 80 7.27 26.65 -3.83
CA LEU C 80 8.19 27.51 -4.55
C LEU C 80 9.60 27.39 -3.98
N ARG C 81 9.67 27.44 -2.65
CA ARG C 81 10.91 27.21 -1.88
C ARG C 81 11.60 25.93 -2.30
N THR C 82 10.84 24.84 -2.35
CA THR C 82 11.40 23.53 -2.61
C THR C 82 11.82 23.29 -4.06
N VAL C 83 10.94 23.56 -5.02
CA VAL C 83 11.34 23.37 -6.43
C VAL C 83 12.42 24.38 -6.85
N GLY C 84 12.41 25.57 -6.29
CA GLY C 84 13.43 26.55 -6.63
C GLY C 84 14.78 26.03 -6.20
N ILE C 85 14.88 25.54 -4.97
CA ILE C 85 16.13 24.93 -4.53
C ILE C 85 16.48 23.72 -5.39
N ASP C 86 15.51 22.83 -5.62
CA ASP C 86 15.77 21.60 -6.32
C ASP C 86 16.25 21.83 -7.75
N ALA C 87 15.64 22.80 -8.43
CA ALA C 87 16.01 23.18 -9.79
C ALA C 87 17.46 23.65 -9.89
N ALA C 88 17.89 24.43 -8.90
CA ALA C 88 19.27 24.95 -8.87
C ALA C 88 20.23 23.79 -8.72
N ILE C 89 19.91 22.89 -7.80
CA ILE C 89 20.73 21.69 -7.60
C ILE C 89 20.82 20.88 -8.88
N LEU C 90 19.70 20.64 -9.55
CA LEU C 90 19.71 19.72 -10.68
C LEU C 90 20.58 20.27 -11.82
N GLU C 91 20.49 21.58 -12.01
CA GLU C 91 21.30 22.30 -13.00
C GLU C 91 22.81 22.12 -12.76
N PHE C 92 23.21 22.21 -11.49
CA PHE C 92 24.64 22.04 -11.13
C PHE C 92 25.14 20.63 -11.42
N LEU C 93 24.37 19.60 -11.06
CA LEU C 93 24.71 18.20 -11.36
C LEU C 93 24.91 17.91 -12.84
N VAL C 94 24.15 18.58 -13.71
CA VAL C 94 24.37 18.46 -15.16
C VAL C 94 25.80 18.82 -15.51
N ALA C 95 26.29 19.91 -14.92
CA ALA C 95 27.65 20.37 -15.14
C ALA C 95 28.69 19.54 -14.39
N ASN C 96 28.32 18.97 -13.25
CA ASN C 96 29.29 18.39 -12.32
C ASN C 96 28.83 17.04 -11.78
N GLU C 97 29.30 15.97 -12.42
CA GLU C 97 28.94 14.57 -12.12
C GLU C 97 29.19 14.21 -10.67
N LYS C 98 30.39 14.53 -10.20
CA LYS C 98 30.79 14.30 -8.83
C LYS C 98 30.70 15.60 -8.02
N VAL C 99 29.95 15.55 -6.92
CA VAL C 99 29.69 16.72 -6.08
C VAL C 99 29.59 16.29 -4.61
N GLN C 100 29.76 17.25 -3.72
CA GLN C 100 29.44 17.07 -2.32
C GLN C 100 28.45 18.17 -1.92
N VAL C 101 27.36 17.77 -1.25
CA VAL C 101 26.35 18.73 -0.83
C VAL C 101 26.45 18.89 0.68
N VAL C 102 26.44 20.13 1.14
CA VAL C 102 26.52 20.45 2.55
C VAL C 102 25.28 21.26 2.95
N ASN C 103 24.39 20.62 3.69
CA ASN C 103 23.12 21.25 4.09
C ASN C 103 23.26 21.81 5.51
N LEU C 104 23.33 23.13 5.59
CA LEU C 104 23.57 23.86 6.82
C LEU C 104 22.25 24.11 7.54
N GLY C 105 22.12 23.68 8.78
CA GLY C 105 20.84 23.75 9.48
C GLY C 105 19.74 22.96 8.78
N CYS C 106 20.02 21.69 8.54
CA CYS C 106 19.20 20.84 7.71
C CYS C 106 17.85 20.53 8.31
N GLY C 107 17.71 20.57 9.63
CA GLY C 107 16.49 20.09 10.27
C GLY C 107 16.02 18.74 9.71
N SER C 108 14.72 18.65 9.38
CA SER C 108 14.09 17.41 8.94
C SER C 108 14.11 17.18 7.42
N ASP C 109 14.90 17.97 6.70
CA ASP C 109 14.94 17.90 5.24
C ASP C 109 15.29 16.50 4.77
N LEU C 110 14.56 16.00 3.80
CA LEU C 110 14.80 14.69 3.25
C LEU C 110 15.23 14.76 1.80
N ARG C 111 15.65 15.93 1.31
CA ARG C 111 15.99 16.04 -0.11
C ARG C 111 17.21 15.20 -0.48
N MET C 112 18.03 14.78 0.50
CA MET C 112 19.10 13.82 0.22
C MET C 112 18.63 12.48 -0.33
N LEU C 113 17.46 12.02 0.09
CA LEU C 113 17.07 10.68 -0.27
C LEU C 113 16.93 10.47 -1.80
N PRO C 114 16.18 11.32 -2.51
CA PRO C 114 16.12 11.21 -3.98
C PRO C 114 17.49 11.52 -4.66
N LEU C 115 18.22 12.47 -4.11
CA LEU C 115 19.49 12.87 -4.70
C LEU C 115 20.48 11.72 -4.69
N LEU C 116 20.52 10.99 -3.58
CA LEU C 116 21.47 9.90 -3.45
C LEU C 116 21.13 8.79 -4.39
N GLN C 117 19.83 8.60 -4.64
CA GLN C 117 19.38 7.57 -5.57
C GLN C 117 19.60 8.00 -7.03
N MET C 118 19.52 9.29 -7.31
CA MET C 118 19.53 9.78 -8.68
C MET C 118 20.97 9.95 -9.17
N PHE C 119 21.88 10.24 -8.25
CA PHE C 119 23.25 10.68 -8.59
C PHE C 119 24.29 9.85 -7.86
N PRO C 120 24.82 8.81 -8.52
CA PRO C 120 25.78 7.90 -7.89
C PRO C 120 27.09 8.51 -7.37
N HIS C 121 27.48 9.69 -7.85
CA HIS C 121 28.73 10.29 -7.39
C HIS C 121 28.47 11.55 -6.58
N LEU C 122 27.27 11.65 -6.01
CA LEU C 122 26.91 12.72 -5.12
C LEU C 122 27.10 12.25 -3.68
N ALA C 123 27.79 13.04 -2.87
CA ALA C 123 27.87 12.78 -1.44
C ALA C 123 27.13 13.91 -0.73
N TYR C 124 26.66 13.67 0.49
CA TYR C 124 25.76 14.61 1.16
C TYR C 124 26.08 14.61 2.63
N VAL C 125 26.14 15.82 3.19
CA VAL C 125 26.39 16.04 4.61
C VAL C 125 25.31 16.92 5.22
N ASP C 126 24.65 16.40 6.26
CA ASP C 126 23.56 17.08 6.98
C ASP C 126 24.16 17.59 8.26
N ILE C 127 24.00 18.88 8.51
CA ILE C 127 24.52 19.52 9.72
C ILE C 127 23.41 20.27 10.45
N ASP C 128 23.25 20.01 11.74
CA ASP C 128 22.36 20.81 12.60
C ASP C 128 22.85 20.71 14.05
N TYR C 129 22.19 21.42 14.98
CA TYR C 129 22.50 21.32 16.41
C TYR C 129 22.41 19.87 16.91
N ASN C 130 23.14 19.54 17.97
CA ASN C 130 23.15 18.17 18.53
C ASN C 130 21.75 17.58 18.78
N GLU C 131 20.90 18.36 19.40
CA GLU C 131 19.61 17.88 19.84
C GLU C 131 18.73 17.58 18.63
N SER C 132 18.92 18.36 17.58
CA SER C 132 18.18 18.15 16.36
C SER C 132 18.66 16.95 15.58
N VAL C 133 19.97 16.83 15.37
CA VAL C 133 20.48 15.66 14.63
C VAL C 133 20.27 14.37 15.40
N GLU C 134 20.29 14.42 16.73
CA GLU C 134 20.03 13.21 17.54
C GLU C 134 18.63 12.68 17.22
N LEU C 135 17.64 13.56 17.19
CA LEU C 135 16.28 13.12 16.81
C LEU C 135 16.18 12.63 15.38
N LYS C 136 16.85 13.32 14.45
CA LYS C 136 16.83 12.91 13.07
C LYS C 136 17.44 11.52 12.90
N ASN C 137 18.57 11.28 13.57
CA ASN C 137 19.21 9.96 13.58
C ASN C 137 18.27 8.88 14.10
N SER C 138 17.58 9.17 15.19
CA SER C 138 16.62 8.22 15.74
C SER C 138 15.57 7.88 14.73
N ILE C 139 15.05 8.90 14.05
CA ILE C 139 13.99 8.66 13.07
C ILE C 139 14.43 7.88 11.84
N LEU C 140 15.55 8.27 11.23
CA LEU C 140 16.08 7.61 10.04
C LEU C 140 16.39 6.14 10.32
N ARG C 141 16.87 5.84 11.52
CA ARG C 141 17.27 4.45 11.84
C ARG C 141 16.07 3.59 12.30
N GLU C 142 15.03 4.21 12.86
CA GLU C 142 13.87 3.41 13.31
C GLU C 142 12.97 3.01 12.14
N SER C 143 12.78 3.93 11.20
CA SER C 143 11.87 3.69 10.10
C SER C 143 12.49 2.71 9.12
N GLU C 144 11.82 1.59 8.88
CA GLU C 144 12.35 0.59 7.95
C GLU C 144 12.65 1.21 6.57
N ILE C 145 11.69 1.92 5.96
CA ILE C 145 11.88 2.51 4.64
C ILE C 145 13.02 3.55 4.60
N LEU C 146 13.15 4.40 5.62
CA LEU C 146 14.22 5.39 5.68
C LEU C 146 15.55 4.69 5.85
N ARG C 147 15.62 3.74 6.77
CA ARG C 147 16.82 2.92 6.93
C ARG C 147 17.32 2.34 5.60
N ILE C 148 16.41 1.72 4.86
CA ILE C 148 16.74 1.03 3.61
C ILE C 148 17.29 2.00 2.59
N SER C 149 16.65 3.16 2.53
CA SER C 149 17.00 4.22 1.60
C SER C 149 18.43 4.74 1.79
N LEU C 150 18.95 4.67 3.00
CA LEU C 150 20.31 5.13 3.29
C LEU C 150 21.26 3.96 3.57
N GLY C 151 20.78 2.73 3.44
CA GLY C 151 21.57 1.54 3.75
C GLY C 151 22.01 1.43 5.20
N LEU C 152 21.15 1.82 6.13
CA LEU C 152 21.51 1.92 7.54
C LEU C 152 21.28 0.64 8.32
N SER C 153 21.92 0.58 9.49
CA SER C 153 21.60 -0.38 10.52
C SER C 153 20.71 0.30 11.58
N LYS C 154 19.89 -0.47 12.28
CA LYS C 154 18.99 0.09 13.28
C LYS C 154 19.67 0.68 14.54
N GLU C 155 20.92 0.28 14.82
CA GLU C 155 21.67 0.71 16.03
C GLU C 155 22.64 1.87 15.73
N ASP C 156 22.84 2.77 16.70
CA ASP C 156 23.81 3.85 16.55
C ASP C 156 25.23 3.27 16.62
N THR C 157 25.86 3.14 15.46
CA THR C 157 27.22 2.59 15.37
C THR C 157 28.21 3.52 14.69
N ALA C 158 27.80 4.77 14.45
CA ALA C 158 28.70 5.73 13.83
C ALA C 158 29.72 6.22 14.86
N LYS C 159 30.86 6.65 14.35
CA LYS C 159 31.96 7.13 15.17
C LYS C 159 31.80 8.63 15.30
N SER C 160 32.01 9.19 16.49
CA SER C 160 32.07 10.65 16.65
C SER C 160 33.04 11.17 15.57
N PRO C 161 32.81 12.34 14.97
CA PRO C 161 31.75 13.31 15.30
C PRO C 161 30.43 13.10 14.53
N PHE C 162 30.16 11.88 14.06
CA PHE C 162 29.00 11.56 13.24
C PHE C 162 27.97 10.72 13.96
N LEU C 163 26.70 10.99 13.69
CA LEU C 163 25.62 10.11 14.08
C LEU C 163 25.34 9.12 12.97
N ILE C 164 25.46 9.55 11.70
CA ILE C 164 25.45 8.64 10.56
C ILE C 164 26.67 8.91 9.69
N ASP C 165 27.30 7.84 9.25
CA ASP C 165 28.45 7.94 8.35
C ASP C 165 28.46 6.70 7.46
N GLN C 166 27.53 6.70 6.52
CA GLN C 166 27.16 5.50 5.78
C GLN C 166 27.19 5.76 4.29
N GLY C 167 28.36 5.48 3.71
CA GLY C 167 28.62 5.63 2.29
C GLY C 167 28.76 7.11 1.91
N ARG C 168 27.74 7.61 1.25
CA ARG C 168 27.72 8.96 0.69
C ARG C 168 26.80 9.89 1.46
N TYR C 169 26.38 9.48 2.66
CA TYR C 169 25.57 10.36 3.50
C TYR C 169 26.16 10.44 4.89
N LYS C 170 26.35 11.66 5.37
CA LYS C 170 26.79 11.92 6.73
C LYS C 170 25.78 12.81 7.45
N LEU C 171 25.60 12.55 8.73
CA LEU C 171 24.73 13.35 9.59
C LEU C 171 25.56 13.74 10.81
N ALA C 172 25.72 15.02 11.08
CA ALA C 172 26.65 15.47 12.13
C ALA C 172 26.16 16.67 12.94
N ALA C 173 26.47 16.66 14.23
CA ALA C 173 26.16 17.77 15.12
C ALA C 173 27.20 18.88 14.99
N CYS C 174 26.73 20.12 15.00
CA CYS C 174 27.63 21.28 15.01
C CYS C 174 26.82 22.53 15.31
N ASP C 175 27.41 23.43 16.09
CA ASP C 175 26.89 24.78 16.26
C ASP C 175 27.56 25.66 15.22
N LEU C 176 26.80 26.08 14.23
CA LEU C 176 27.34 26.88 13.13
C LEU C 176 27.74 28.33 13.52
N ASN C 177 27.46 28.74 14.75
CA ASN C 177 27.96 30.02 15.31
C ASN C 177 29.39 29.92 15.84
N ASP C 178 29.91 28.71 15.89
CA ASP C 178 31.26 28.41 16.30
C ASP C 178 32.01 28.00 15.04
N ILE C 179 32.64 28.98 14.39
CA ILE C 179 33.29 28.75 13.11
C ILE C 179 34.43 27.73 13.19
N THR C 180 35.12 27.68 14.33
CA THR C 180 36.19 26.68 14.57
C THR C 180 35.65 25.25 14.52
N GLU C 181 34.60 24.99 15.29
CA GLU C 181 33.92 23.71 15.23
C GLU C 181 33.49 23.35 13.82
N THR C 182 32.95 24.33 13.12
CA THR C 182 32.41 24.11 11.80
C THR C 182 33.50 23.73 10.82
N THR C 183 34.62 24.47 10.80
CA THR C 183 35.73 24.12 9.90
C THR C 183 36.33 22.75 10.22
N ARG C 184 36.49 22.42 11.49
CA ARG C 184 36.99 21.11 11.94
C ARG C 184 36.12 19.97 11.45
N LEU C 185 34.81 20.19 11.48
CA LEU C 185 33.87 19.16 11.03
C LEU C 185 34.01 19.05 9.53
N LEU C 186 33.96 20.18 8.84
CA LEU C 186 34.06 20.14 7.38
C LEU C 186 35.33 19.41 6.92
N ASP C 187 36.41 19.56 7.68
CA ASP C 187 37.68 18.91 7.36
C ASP C 187 37.59 17.39 7.26
N VAL C 188 36.70 16.79 8.05
CA VAL C 188 36.60 15.32 8.06
C VAL C 188 35.41 14.75 7.29
N CYS C 189 34.60 15.59 6.65
CA CYS C 189 33.50 15.06 5.84
C CYS C 189 33.42 15.64 4.43
N THR C 190 34.40 16.47 4.06
CA THR C 190 34.51 16.99 2.70
C THR C 190 35.96 17.16 2.27
N LYS C 191 36.13 17.42 0.97
CA LYS C 191 37.43 17.67 0.38
C LYS C 191 37.37 18.96 -0.44
N ARG C 192 38.45 19.73 -0.36
CA ARG C 192 38.52 21.06 -0.94
C ARG C 192 38.14 21.11 -2.42
N GLU C 193 38.58 20.13 -3.21
CA GLU C 193 38.53 20.21 -4.68
C GLU C 193 37.23 19.67 -5.30
N ILE C 194 36.41 18.97 -4.51
CA ILE C 194 35.19 18.39 -5.06
C ILE C 194 34.18 19.55 -5.24
N PRO C 195 33.53 19.64 -6.42
CA PRO C 195 32.49 20.64 -6.63
C PRO C 195 31.45 20.54 -5.53
N THR C 196 31.07 21.67 -4.95
CA THR C 196 30.35 21.67 -3.69
C THR C 196 29.07 22.47 -3.87
N ILE C 197 27.94 21.95 -3.37
CA ILE C 197 26.73 22.74 -3.26
C ILE C 197 26.52 22.99 -1.79
N VAL C 198 26.35 24.25 -1.41
CA VAL C 198 26.02 24.57 -0.03
C VAL C 198 24.58 25.01 0.00
N ILE C 199 23.82 24.57 1.00
CA ILE C 199 22.41 24.90 1.09
C ILE C 199 22.21 25.52 2.46
N SER C 200 21.63 26.71 2.50
CA SER C 200 21.14 27.28 3.74
C SER C 200 19.70 27.75 3.56
N GLU C 201 18.77 26.88 3.91
CA GLU C 201 17.34 27.09 3.73
C GLU C 201 16.74 27.50 5.06
N CYS C 202 16.40 28.78 5.22
CA CYS C 202 15.94 29.32 6.53
C CYS C 202 16.88 29.01 7.68
N LEU C 203 18.18 29.18 7.45
CA LEU C 203 19.19 29.04 8.48
C LEU C 203 19.72 30.41 8.87
N LEU C 204 20.21 31.14 7.87
CA LEU C 204 20.94 32.37 8.14
C LEU C 204 20.05 33.43 8.80
N CYS C 205 18.73 33.38 8.56
CA CYS C 205 17.83 34.36 9.19
C CYS C 205 17.82 34.28 10.71
N TYR C 206 18.28 33.18 11.28
CA TYR C 206 18.33 33.01 12.74
C TYR C 206 19.67 33.38 13.37
N MET C 207 20.61 33.84 12.54
CA MET C 207 21.97 34.16 12.97
C MET C 207 22.26 35.66 12.93
N HIS C 208 23.09 36.13 13.86
CA HIS C 208 23.60 37.51 13.82
C HIS C 208 24.54 37.68 12.64
N ASN C 209 24.78 38.92 12.23
CA ASN C 209 25.48 39.19 10.98
C ASN C 209 26.94 38.75 10.96
N ASN C 210 27.59 38.91 12.11
CA ASN C 210 28.98 38.51 12.30
C ASN C 210 29.12 37.03 11.96
N GLU C 211 28.32 36.21 12.63
CA GLU C 211 28.42 34.76 12.54
C GLU C 211 28.03 34.25 11.16
N SER C 212 27.02 34.88 10.57
CA SER C 212 26.57 34.48 9.25
C SER C 212 27.58 34.89 8.18
N GLN C 213 28.12 36.11 8.28
CA GLN C 213 29.09 36.55 7.29
C GLN C 213 30.35 35.71 7.45
N LEU C 214 30.73 35.39 8.69
CA LEU C 214 31.90 34.57 8.91
C LEU C 214 31.71 33.18 8.31
N LEU C 215 30.51 32.62 8.46
CA LEU C 215 30.18 31.33 7.89
C LEU C 215 30.25 31.36 6.36
N ILE C 216 29.73 32.44 5.76
CA ILE C 216 29.72 32.54 4.31
C ILE C 216 31.15 32.64 3.78
N ASN C 217 31.96 33.50 4.39
CA ASN C 217 33.30 33.77 3.88
C ASN C 217 34.16 32.54 4.02
N THR C 218 34.03 31.87 5.17
CA THR C 218 34.87 30.74 5.49
C THR C 218 34.58 29.58 4.57
N ILE C 219 33.29 29.33 4.34
CA ILE C 219 32.90 28.19 3.53
C ILE C 219 33.20 28.42 2.04
N MET C 220 32.91 29.60 1.53
CA MET C 220 33.32 29.95 0.15
C MET C 220 34.84 29.87 -0.05
N SER C 221 35.62 30.22 0.96
CA SER C 221 37.08 30.13 0.82
C SER C 221 37.58 28.68 0.84
N LYS C 222 36.83 27.80 1.51
CA LYS C 222 37.27 26.44 1.84
C LYS C 222 37.12 25.45 0.69
N PHE C 223 36.23 25.75 -0.24
CA PHE C 223 35.98 24.90 -1.40
C PHE C 223 36.30 25.61 -2.71
N SER C 224 37.03 24.94 -3.59
CA SER C 224 37.51 25.51 -4.86
C SER C 224 36.39 26.00 -5.77
N HIS C 225 35.37 25.16 -5.92
CA HIS C 225 34.35 25.28 -6.96
C HIS C 225 33.01 24.99 -6.29
N GLY C 226 32.12 25.96 -6.25
CA GLY C 226 30.84 25.76 -5.59
C GLY C 226 29.65 26.62 -6.02
N LEU C 227 28.50 26.21 -5.51
CA LEU C 227 27.23 26.84 -5.67
C LEU C 227 26.65 26.91 -4.26
N TRP C 228 26.33 28.12 -3.83
CA TRP C 228 25.63 28.33 -2.58
C TRP C 228 24.19 28.71 -2.92
N ILE C 229 23.23 27.89 -2.48
CA ILE C 229 21.80 28.16 -2.59
C ILE C 229 21.28 28.54 -1.22
N SER C 230 20.79 29.77 -1.09
CA SER C 230 20.24 30.31 0.15
C SER C 230 18.82 30.82 -0.06
N TYR C 231 17.98 30.50 0.91
CA TYR C 231 16.59 30.87 0.88
C TYR C 231 16.31 31.46 2.23
N ASP C 232 15.59 32.57 2.25
CA ASP C 232 15.39 33.30 3.50
C ASP C 232 14.35 34.37 3.27
N PRO C 233 13.76 34.88 4.35
CA PRO C 233 12.87 36.05 4.26
C PRO C 233 13.65 37.35 4.18
N ILE C 234 13.00 38.40 3.68
CA ILE C 234 13.52 39.77 3.78
C ILE C 234 12.45 40.71 4.37
N GLY C 235 12.92 41.73 5.07
CA GLY C 235 12.03 42.66 5.76
C GLY C 235 11.12 43.51 4.88
N GLY C 236 11.54 43.85 3.67
CA GLY C 236 10.78 44.74 2.80
C GLY C 236 11.40 46.13 2.78
N SER C 237 11.50 46.71 1.59
CA SER C 237 12.21 47.99 1.39
C SER C 237 11.34 49.11 0.80
N GLN C 238 10.05 48.85 0.56
CA GLN C 238 9.14 49.92 0.14
C GLN C 238 8.71 50.68 1.40
N PRO C 239 8.41 51.97 1.29
CA PRO C 239 7.97 52.74 2.46
C PRO C 239 6.70 52.17 3.08
N ASN C 240 6.62 52.13 4.40
CA ASN C 240 5.40 51.66 5.10
C ASN C 240 5.13 50.18 4.85
N ASP C 241 6.19 49.43 4.56
CA ASP C 241 6.10 47.99 4.45
C ASP C 241 6.40 47.45 5.84
N ARG C 242 5.35 46.98 6.51
CA ARG C 242 5.46 46.52 7.90
C ARG C 242 5.81 45.03 8.04
N PHE C 243 5.97 44.34 6.92
CA PHE C 243 6.24 42.89 6.95
C PHE C 243 7.28 42.51 8.00
N GLY C 244 8.48 43.08 7.88
CA GLY C 244 9.59 42.72 8.74
C GLY C 244 9.38 43.13 10.19
N ALA C 245 8.90 44.36 10.40
CA ALA C 245 8.56 44.83 11.74
C ALA C 245 7.55 43.90 12.41
N ILE C 246 6.56 43.45 11.65
CA ILE C 246 5.48 42.61 12.17
C ILE C 246 5.99 41.21 12.49
N MET C 247 6.89 40.70 11.67
CA MET C 247 7.45 39.35 11.86
C MET C 247 8.40 39.34 13.06
N GLN C 248 9.21 40.38 13.20
CA GLN C 248 10.16 40.48 14.32
C GLN C 248 9.40 40.67 15.64
N SER C 249 8.28 41.40 15.59
CA SER C 249 7.44 41.60 16.75
C SER C 249 6.71 40.30 17.12
N ASN C 250 6.07 39.67 16.13
CA ASN C 250 5.27 38.46 16.36
C ASN C 250 6.10 37.30 16.93
N LEU C 251 7.26 37.04 16.34
CA LEU C 251 8.10 35.94 16.78
C LEU C 251 8.66 36.18 18.20
N LYS C 252 8.90 37.44 18.55
CA LYS C 252 9.33 37.79 19.91
C LYS C 252 8.21 37.61 20.95
N GLU C 253 6.98 37.97 20.58
CA GLU C 253 5.83 37.93 21.48
C GLU C 253 5.38 36.49 21.71
N SER C 254 5.19 35.75 20.61
CA SER C 254 4.69 34.38 20.67
C SER C 254 5.73 33.37 21.16
N ARG C 255 6.94 33.43 20.61
CA ARG C 255 7.95 32.37 20.79
C ARG C 255 9.32 32.81 21.34
N ASN C 256 9.55 34.11 21.55
CA ASN C 256 10.85 34.64 22.02
C ASN C 256 12.01 34.34 21.04
N LEU C 257 11.72 34.47 19.76
CA LEU C 257 12.62 34.06 18.68
C LEU C 257 13.08 35.28 17.89
N GLU C 258 14.33 35.26 17.44
CA GLU C 258 14.93 36.41 16.76
C GLU C 258 15.35 36.14 15.31
N MET C 259 15.12 37.15 14.49
CA MET C 259 15.64 37.22 13.13
C MET C 259 16.47 38.51 13.08
N PRO C 260 17.71 38.41 13.54
CA PRO C 260 18.51 39.61 13.81
C PRO C 260 18.82 40.49 12.60
N THR C 261 18.91 39.93 11.39
CA THR C 261 19.28 40.75 10.22
C THR C 261 18.17 40.98 9.19
N LEU C 262 16.93 40.72 9.58
CA LEU C 262 15.79 40.80 8.64
C LEU C 262 15.56 42.21 8.08
N MET C 263 15.74 43.23 8.92
CA MET C 263 15.60 44.62 8.46
C MET C 263 16.88 45.15 7.79
N THR C 264 18.03 44.54 8.09
CA THR C 264 19.31 44.90 7.47
C THR C 264 19.33 44.45 6.02
N TYR C 265 19.00 43.18 5.79
CA TYR C 265 18.88 42.63 4.44
C TYR C 265 17.41 42.61 4.12
N ASN C 266 16.91 43.80 3.82
CA ASN C 266 15.49 44.05 3.56
C ASN C 266 15.11 44.03 2.10
N SER C 267 16.08 43.87 1.21
CA SER C 267 15.84 43.78 -0.22
C SER C 267 16.65 42.59 -0.76
N LYS C 268 16.26 42.09 -1.93
CA LYS C 268 16.94 40.95 -2.53
C LYS C 268 18.38 41.35 -2.92
N GLU C 269 18.57 42.64 -3.22
CA GLU C 269 19.88 43.13 -3.63
C GLU C 269 20.83 43.17 -2.44
N LYS C 270 20.38 43.69 -1.30
CA LYS C 270 21.23 43.78 -0.12
C LYS C 270 21.59 42.36 0.36
N TYR C 271 20.62 41.44 0.26
CA TYR C 271 20.85 40.06 0.71
C TYR C 271 21.94 39.39 -0.13
N ALA C 272 21.84 39.52 -1.44
CA ALA C 272 22.81 38.90 -2.33
C ALA C 272 24.21 39.50 -2.15
N SER C 273 24.28 40.74 -1.65
CA SER C 273 25.58 41.43 -1.45
C SER C 273 26.47 40.69 -0.44
N ARG C 274 25.88 39.85 0.42
CA ARG C 274 26.63 39.07 1.39
C ARG C 274 27.58 38.05 0.73
N TRP C 275 27.28 37.66 -0.51
CA TRP C 275 28.13 36.77 -1.31
C TRP C 275 28.90 37.51 -2.41
N SER C 276 29.15 38.80 -2.22
CA SER C 276 29.76 39.62 -3.27
C SER C 276 31.18 39.19 -3.63
N ALA C 277 31.80 38.32 -2.83
CA ALA C 277 33.11 37.75 -3.13
C ALA C 277 33.03 36.80 -4.32
N ALA C 278 31.87 36.17 -4.49
CA ALA C 278 31.61 35.32 -5.63
C ALA C 278 31.38 36.15 -6.88
N PRO C 279 31.93 35.72 -8.01
CA PRO C 279 31.77 36.45 -9.28
C PRO C 279 30.36 36.34 -9.87
N ASN C 280 29.61 35.28 -9.55
CA ASN C 280 28.34 34.98 -10.22
C ASN C 280 27.23 34.84 -9.18
N VAL C 281 26.52 35.92 -8.91
CA VAL C 281 25.43 35.92 -7.95
C VAL C 281 24.13 36.30 -8.62
N ILE C 282 23.13 35.44 -8.46
CA ILE C 282 21.79 35.66 -8.99
C ILE C 282 20.83 35.63 -7.80
N VAL C 283 19.85 36.51 -7.80
CA VAL C 283 18.85 36.50 -6.74
C VAL C 283 17.47 36.83 -7.34
N ASN C 284 16.44 36.12 -6.87
CA ASN C 284 15.05 36.42 -7.23
C ASN C 284 14.18 36.26 -6.00
N ASP C 285 13.12 37.07 -5.89
CA ASP C 285 12.12 36.77 -4.88
C ASP C 285 11.21 35.65 -5.41
N MET C 286 10.40 35.05 -4.54
CA MET C 286 9.67 33.83 -4.90
C MET C 286 8.47 34.11 -5.81
N TRP C 287 8.02 35.37 -5.81
CA TRP C 287 6.99 35.83 -6.74
C TRP C 287 7.54 35.83 -8.17
N GLU C 288 8.80 36.28 -8.34
CA GLU C 288 9.47 36.24 -9.62
C GLU C 288 9.64 34.80 -10.11
N ILE C 289 10.03 33.91 -9.20
CA ILE C 289 10.16 32.49 -9.52
C ILE C 289 8.83 31.90 -9.98
N PHE C 290 7.76 32.25 -9.28
CA PHE C 290 6.41 31.77 -9.59
C PHE C 290 6.03 32.14 -11.01
N ASN C 291 6.32 33.38 -11.38
CA ASN C 291 5.85 33.92 -12.65
C ASN C 291 6.74 33.63 -13.84
N ALA C 292 8.02 33.37 -13.59
CA ALA C 292 9.01 33.35 -14.66
C ALA C 292 9.75 32.04 -14.75
N GLN C 293 9.72 31.22 -13.69
CA GLN C 293 10.48 29.99 -13.62
C GLN C 293 9.61 28.73 -13.40
N ILE C 294 8.33 28.90 -13.12
CA ILE C 294 7.38 27.77 -13.03
C ILE C 294 6.58 27.74 -14.34
N PRO C 295 6.58 26.61 -15.03
CA PRO C 295 5.83 26.50 -16.28
C PRO C 295 4.32 26.62 -16.06
N GLU C 296 3.62 27.14 -17.06
CA GLU C 296 2.18 27.29 -16.96
C GLU C 296 1.47 26.00 -16.54
N SER C 297 1.95 24.83 -17.00
CA SER C 297 1.34 23.52 -16.66
C SER C 297 1.35 23.24 -15.16
N GLU C 298 2.42 23.65 -14.50
CA GLU C 298 2.54 23.54 -13.05
C GLU C 298 1.63 24.53 -12.34
N ARG C 299 1.51 25.75 -12.86
CA ARG C 299 0.64 26.73 -12.23
C ARG C 299 -0.81 26.24 -12.33
N LYS C 300 -1.18 25.68 -13.48
CA LYS C 300 -2.53 25.13 -13.66
C LYS C 300 -2.78 23.93 -12.73
N ARG C 301 -1.82 23.03 -12.62
CA ARG C 301 -1.92 21.88 -11.69
C ARG C 301 -2.17 22.37 -10.25
N LEU C 302 -1.41 23.37 -9.78
CA LEU C 302 -1.59 23.87 -8.42
C LEU C 302 -2.99 24.48 -8.24
N ARG C 303 -3.49 25.19 -9.24
CA ARG C 303 -4.84 25.76 -9.19
C ARG C 303 -5.93 24.67 -9.06
N SER C 304 -5.59 23.46 -9.47
CA SER C 304 -6.49 22.29 -9.31
C SER C 304 -6.59 21.73 -7.88
N LEU C 305 -5.64 22.11 -7.01
CA LEU C 305 -5.56 21.49 -5.69
C LEU C 305 -6.43 22.16 -4.64
N GLN C 306 -6.32 23.48 -4.59
CA GLN C 306 -6.97 24.29 -3.56
C GLN C 306 -7.37 25.62 -4.20
N PHE C 307 -8.21 26.37 -3.50
CA PHE C 307 -8.56 27.72 -3.95
C PHE C 307 -7.55 28.73 -3.46
N LEU C 308 -6.82 29.36 -4.37
CA LEU C 308 -6.03 30.53 -4.02
C LEU C 308 -6.92 31.70 -4.37
N ASP C 309 -7.71 32.10 -3.40
CA ASP C 309 -8.66 33.19 -3.58
C ASP C 309 -7.99 34.55 -3.68
N GLU C 310 -6.79 34.70 -3.10
CA GLU C 310 -6.18 36.03 -2.89
C GLU C 310 -4.75 36.11 -3.47
N LEU C 311 -4.69 36.23 -4.79
CA LEU C 311 -3.43 36.24 -5.52
C LEU C 311 -2.51 37.39 -5.08
N GLU C 312 -3.07 38.59 -4.84
CA GLU C 312 -2.27 39.71 -4.33
C GLU C 312 -1.65 39.42 -2.97
N GLU C 313 -2.42 38.79 -2.07
CA GLU C 313 -1.89 38.39 -0.76
C GLU C 313 -0.72 37.40 -0.91
N LEU C 314 -0.80 36.49 -1.87
CA LEU C 314 0.33 35.60 -2.17
C LEU C 314 1.53 36.41 -2.68
N LYS C 315 1.28 37.34 -3.61
CA LYS C 315 2.36 38.21 -4.11
C LYS C 315 3.06 38.94 -2.97
N VAL C 316 2.27 39.54 -2.07
CA VAL C 316 2.83 40.33 -0.97
C VAL C 316 3.70 39.43 -0.08
N MET C 317 3.29 38.18 0.12
CA MET C 317 4.06 37.27 0.97
C MET C 317 5.33 36.84 0.25
N GLN C 318 5.18 36.36 -0.97
CA GLN C 318 6.28 35.76 -1.73
C GLN C 318 7.32 36.74 -2.26
N THR C 319 7.04 38.04 -2.22
CA THR C 319 8.07 39.02 -2.54
C THR C 319 8.96 39.30 -1.34
N HIS C 320 8.62 38.76 -0.16
CA HIS C 320 9.47 38.84 1.04
C HIS C 320 10.22 37.54 1.34
N TYR C 321 10.30 36.65 0.36
CA TYR C 321 11.17 35.47 0.45
C TYR C 321 12.02 35.44 -0.81
N ILE C 322 13.32 35.11 -0.66
CA ILE C 322 14.24 35.12 -1.80
C ILE C 322 15.07 33.85 -1.92
N LEU C 323 15.42 33.54 -3.16
CA LEU C 323 16.33 32.47 -3.52
C LEU C 323 17.59 33.11 -4.13
N MET C 324 18.72 32.92 -3.47
CA MET C 324 20.03 33.42 -3.85
C MET C 324 20.86 32.23 -4.30
N LYS C 325 21.45 32.34 -5.50
CA LYS C 325 22.42 31.39 -6.03
C LYS C 325 23.75 32.13 -6.28
N ALA C 326 24.79 31.71 -5.58
CA ALA C 326 26.12 32.28 -5.71
C ALA C 326 27.05 31.18 -6.21
N GLN C 327 27.81 31.46 -7.27
CA GLN C 327 28.71 30.48 -7.87
C GLN C 327 30.11 31.06 -7.95
N TRP C 328 31.10 30.25 -7.58
CA TRP C 328 32.51 30.62 -7.62
C TRP C 328 33.35 29.45 -8.11
N HIS C 329 34.54 29.76 -8.59
CA HIS C 329 35.53 28.75 -8.85
C HIS C 329 36.87 29.43 -8.76
N HIS C 330 37.45 29.42 -7.56
CA HIS C 330 38.73 30.09 -7.35
C HIS C 330 39.93 29.14 -7.45
N HIS C 331 41.12 29.73 -7.50
CA HIS C 331 42.33 28.97 -7.68
C HIS C 331 43.39 29.56 -6.77
N HIS C 332 43.30 29.23 -5.48
CA HIS C 332 44.17 29.79 -4.45
C HIS C 332 45.24 28.79 -4.01
N HIS C 333 45.27 27.64 -4.69
CA HIS C 333 46.34 26.66 -4.56
C HIS C 333 46.64 26.34 -3.09
N HIS C 334 45.63 25.74 -2.44
CA HIS C 334 45.68 25.36 -1.03
C HIS C 334 45.85 23.85 -0.88
#